data_4Z4Z
#
_entry.id   4Z4Z
#
_cell.length_a   66.830
_cell.length_b   78.293
_cell.length_c   71.630
_cell.angle_alpha   90.000
_cell.angle_beta   103.350
_cell.angle_gamma   90.000
#
_symmetry.space_group_name_H-M   'P 1 21 1'
#
loop_
_entity.id
_entity.type
_entity.pdbx_description
1 polymer 'Capsid protein'
2 branched alpha-L-fucopyranose-(1-2)-[alpha-D-galactopyranose-(1-3)]alpha-D-galactopyranose
3 non-polymer 1,2-ETHANEDIOL
4 water water
#
_entity_poly.entity_id   1
_entity_poly.type   'polypeptide(L)'
_entity_poly.pdbx_seq_one_letter_code
;SKPFTLPILTLGELTNSRFPLPIDVLYTNPNESAIVQCQNGRCTLDGELQGTTQLLPTGICAFRGKVTQQVQDEHRGTHW
NMTVTNLNGTPFDPTEDVPAPLGTPDFSGQIYGVISQRNTNTVPGEGNLPANRAHEAVIATYSPKFTPKLGNIQFSTWET
QDVSSGQPTKFTPVGLASVDANSHFDQWTLPSYSGALTLNMNLAPSVAPVFPGECLLFFRSFIPLKGGYGNPAIDCLMPQ
EWVQHLYQESAPSLSDVALVRYVNPETGRTLFEAKLHRNGFLTVARNSAGPVVAPTNGYFRFDSWVNQFYTLAPM
;
_entity_poly.pdbx_strand_id   A,B
#
loop_
_chem_comp.id
_chem_comp.type
_chem_comp.name
_chem_comp.formula
EDO non-polymer 1,2-ETHANEDIOL 'C2 H6 O2'
FUC L-saccharide, alpha linking alpha-L-fucopyranose 'C6 H12 O5'
GLA D-saccharide, alpha linking alpha-D-galactopyranose 'C6 H12 O6'
#
# COMPACT_ATOMS: atom_id res chain seq x y z
N SER A 1 20.85 26.24 0.80
CA SER A 1 19.47 25.81 0.59
C SER A 1 19.39 24.49 -0.18
N LYS A 2 18.98 23.43 0.53
CA LYS A 2 18.81 22.12 -0.07
C LYS A 2 17.99 22.17 -1.35
N PRO A 3 18.57 21.71 -2.46
CA PRO A 3 17.86 21.78 -3.74
C PRO A 3 16.58 20.96 -3.74
N PHE A 4 15.50 21.54 -4.27
CA PHE A 4 14.25 20.82 -4.42
C PHE A 4 14.37 19.75 -5.49
N THR A 5 13.77 18.59 -5.22
CA THR A 5 13.75 17.47 -6.16
C THR A 5 12.44 16.71 -6.09
N LEU A 6 12.11 16.04 -7.19
CA LEU A 6 11.04 15.05 -7.24
C LEU A 6 11.65 13.68 -7.42
N PRO A 7 10.95 12.64 -6.99
CA PRO A 7 11.45 11.29 -7.26
C PRO A 7 11.44 11.00 -8.75
N ILE A 8 12.23 10.03 -9.18
CA ILE A 8 12.25 9.64 -10.58
C ILE A 8 11.43 8.38 -10.75
N LEU A 9 10.14 8.59 -10.95
CA LEU A 9 9.19 7.48 -10.98
C LEU A 9 8.24 7.72 -12.11
N THR A 10 8.11 6.71 -12.96
CA THR A 10 7.17 6.80 -14.04
C THR A 10 5.78 6.64 -13.44
N LEU A 11 4.77 6.87 -14.26
CA LEU A 11 3.40 6.74 -13.84
C LEU A 11 3.11 5.31 -13.37
N GLY A 12 3.78 4.33 -13.97
CA GLY A 12 3.58 2.94 -13.62
C GLY A 12 4.29 2.52 -12.35
N GLU A 13 4.95 3.49 -11.71
CA GLU A 13 5.68 3.26 -10.46
C GLU A 13 5.12 4.15 -9.34
N LEU A 14 3.95 4.71 -9.58
CA LEU A 14 3.33 5.62 -8.63
C LEU A 14 2.01 5.05 -8.10
N THR A 15 1.66 5.41 -6.87
CA THR A 15 0.36 5.03 -6.30
C THR A 15 -0.42 6.24 -5.82
N ASN A 16 -1.73 6.07 -5.76
CA ASN A 16 -2.63 7.12 -5.35
C ASN A 16 -2.51 7.43 -3.87
N SER A 17 -2.59 8.70 -3.52
CA SER A 17 -2.52 9.11 -2.12
C SER A 17 -3.89 9.21 -1.46
N ARG A 18 -4.96 9.01 -2.23
CA ARG A 18 -6.31 9.11 -1.65
C ARG A 18 -7.05 7.78 -1.52
N PHE A 19 -6.52 6.73 -2.17
CA PHE A 19 -7.03 5.35 -2.05
C PHE A 19 -5.89 4.41 -2.47
N PRO A 20 -5.81 3.19 -1.87
CA PRO A 20 -4.70 2.28 -2.19
C PRO A 20 -4.82 1.67 -3.59
N LEU A 21 -4.45 2.47 -4.57
CA LEU A 21 -4.54 2.11 -5.99
C LEU A 21 -3.29 2.59 -6.72
N PRO A 22 -2.88 1.87 -7.76
CA PRO A 22 -1.85 2.42 -8.64
C PRO A 22 -2.37 3.62 -9.41
N ILE A 23 -1.47 4.53 -9.78
CA ILE A 23 -1.86 5.58 -10.69
C ILE A 23 -2.06 4.98 -12.09
N ASP A 24 -3.20 5.29 -12.70
CA ASP A 24 -3.51 4.76 -14.03
C ASP A 24 -3.21 5.77 -15.14
N VAL A 25 -3.57 7.04 -14.92
CA VAL A 25 -3.41 8.02 -15.98
C VAL A 25 -3.32 9.44 -15.37
N LEU A 26 -2.68 10.36 -16.08
CA LEU A 26 -2.84 11.77 -15.76
C LEU A 26 -4.15 12.29 -16.36
N TYR A 27 -4.78 13.26 -15.71
CA TYR A 27 -6.16 13.62 -16.04
C TYR A 27 -6.46 15.09 -15.77
N THR A 28 -7.26 15.71 -16.64
CA THR A 28 -7.74 17.07 -16.39
C THR A 28 -9.24 17.17 -16.50
N ASN A 29 -9.80 18.18 -15.83
CA ASN A 29 -11.22 18.49 -15.94
C ASN A 29 -11.44 19.98 -15.66
N PRO A 30 -11.12 20.84 -16.64
CA PRO A 30 -11.15 22.29 -16.43
C PRO A 30 -12.50 22.83 -15.97
N ASN A 31 -13.60 22.19 -16.35
CA ASN A 31 -14.92 22.74 -16.03
C ASN A 31 -15.53 22.18 -14.76
N GLU A 32 -14.73 21.48 -13.96
CA GLU A 32 -15.17 20.98 -12.66
C GLU A 32 -15.78 22.11 -11.83
N SER A 33 -16.99 21.90 -11.32
CA SER A 33 -17.67 22.96 -10.58
C SER A 33 -17.41 22.89 -9.08
N ALA A 34 -17.02 21.72 -8.60
CA ALA A 34 -16.80 21.52 -7.17
C ALA A 34 -15.53 22.20 -6.70
N ILE A 35 -15.51 22.60 -5.44
CA ILE A 35 -14.29 23.04 -4.79
C ILE A 35 -13.39 21.83 -4.57
N VAL A 36 -12.14 21.93 -5.01
CA VAL A 36 -11.21 20.82 -4.86
C VAL A 36 -10.47 21.01 -3.54
N GLN A 37 -10.80 20.18 -2.55
CA GLN A 37 -10.23 20.36 -1.23
C GLN A 37 -10.04 19.02 -0.54
N CYS A 38 -9.41 18.07 -1.24
CA CYS A 38 -9.17 16.75 -0.64
C CYS A 38 -8.18 16.87 0.53
N GLN A 39 -8.22 15.89 1.41
CA GLN A 39 -7.50 16.00 2.67
C GLN A 39 -6.39 14.96 2.79
N ASN A 40 -6.47 13.94 1.94
CA ASN A 40 -5.37 12.98 1.80
C ASN A 40 -4.51 13.33 0.60
N GLY A 41 -3.24 12.93 0.65
CA GLY A 41 -2.30 13.30 -0.39
C GLY A 41 -2.03 14.79 -0.43
N ARG A 42 -2.00 15.40 0.75
CA ARG A 42 -1.76 16.82 0.87
C ARG A 42 -0.44 17.09 1.56
N CYS A 43 0.47 17.75 0.86
CA CYS A 43 1.79 18.03 1.38
C CYS A 43 2.39 19.23 0.66
N THR A 44 2.91 20.19 1.42
CA THR A 44 3.59 21.34 0.81
C THR A 44 4.90 20.89 0.17
N LEU A 45 5.44 21.71 -0.73
CA LEU A 45 6.67 21.33 -1.41
C LEU A 45 7.84 21.29 -0.45
N ASP A 46 7.73 21.94 0.71
CA ASP A 46 8.82 21.85 1.68
C ASP A 46 8.57 20.79 2.76
N GLY A 47 7.64 19.89 2.51
CA GLY A 47 7.51 18.69 3.33
C GLY A 47 6.54 18.71 4.49
N GLU A 48 5.65 19.69 4.54
CA GLU A 48 4.64 19.73 5.60
C GLU A 48 3.37 18.97 5.21
N LEU A 49 3.12 17.83 5.84
CA LEU A 49 1.86 17.10 5.64
C LEU A 49 0.69 17.94 6.11
N GLN A 50 -0.43 17.88 5.38
CA GLN A 50 -1.61 18.64 5.74
C GLN A 50 -2.87 17.79 5.73
N GLY A 51 -3.97 18.33 6.23
CA GLY A 51 -5.23 17.61 6.28
C GLY A 51 -5.11 16.32 7.07
N THR A 52 -5.57 15.22 6.49
CA THR A 52 -5.52 13.92 7.17
C THR A 52 -4.38 13.06 6.60
N THR A 53 -3.42 13.71 5.95
CA THR A 53 -2.37 12.99 5.24
C THR A 53 -1.35 12.35 6.17
N GLN A 54 -1.07 11.07 5.93
CA GLN A 54 0.02 10.38 6.61
C GLN A 54 0.81 9.59 5.57
N LEU A 55 1.90 8.96 6.01
CA LEU A 55 2.90 8.41 5.09
C LEU A 55 2.64 6.99 4.59
N LEU A 56 1.89 6.19 5.35
CA LEU A 56 1.77 4.77 5.02
C LEU A 56 0.80 4.56 3.88
N PRO A 57 1.24 3.86 2.83
CA PRO A 57 0.28 3.50 1.78
C PRO A 57 -0.85 2.65 2.38
N THR A 58 -0.54 1.89 3.42
CA THR A 58 -1.52 1.01 4.07
C THR A 58 -2.50 1.77 4.95
N GLY A 59 -2.20 3.03 5.22
CA GLY A 59 -3.03 3.82 6.11
C GLY A 59 -4.11 4.61 5.41
N ILE A 60 -4.04 4.70 4.08
CA ILE A 60 -5.00 5.52 3.32
C ILE A 60 -6.37 4.85 3.29
N CYS A 61 -7.38 5.54 3.81
CA CYS A 61 -8.74 5.00 3.98
C CYS A 61 -8.80 3.76 4.87
N ALA A 62 -7.81 3.62 5.75
CA ALA A 62 -7.82 2.53 6.71
C ALA A 62 -8.36 3.03 8.04
N PHE A 63 -8.91 2.11 8.82
CA PHE A 63 -9.27 2.38 10.20
C PHE A 63 -8.77 1.29 11.12
N ARG A 64 -8.46 1.69 12.34
CA ARG A 64 -8.08 0.76 13.38
C ARG A 64 -8.90 1.11 14.61
N GLY A 65 -9.35 0.12 15.36
CA GLY A 65 -10.13 0.37 16.57
C GLY A 65 -10.75 -0.88 17.18
N LYS A 66 -11.94 -0.73 17.74
CA LYS A 66 -12.66 -1.82 18.39
C LYS A 66 -14.14 -1.70 18.15
N VAL A 67 -14.79 -2.82 17.85
CA VAL A 67 -16.23 -2.81 17.76
C VAL A 67 -16.78 -2.66 19.17
N THR A 68 -17.77 -1.78 19.34
CA THR A 68 -18.40 -1.62 20.63
C THR A 68 -19.63 -2.51 20.72
N GLN A 69 -20.49 -2.45 19.72
CA GLN A 69 -21.70 -3.23 19.72
C GLN A 69 -22.31 -3.23 18.35
N GLN A 70 -23.20 -4.19 18.12
CA GLN A 70 -24.07 -4.14 16.97
C GLN A 70 -25.07 -3.04 17.21
N VAL A 71 -25.43 -2.30 16.16
CA VAL A 71 -26.37 -1.20 16.34
C VAL A 71 -27.47 -1.29 15.32
N GLN A 72 -28.42 -0.36 15.43
CA GLN A 72 -29.56 -0.37 14.53
C GLN A 72 -29.41 0.74 13.52
N ASP A 73 -29.84 0.47 12.30
CA ASP A 73 -29.79 1.45 11.22
C ASP A 73 -30.85 1.04 10.20
N GLU A 74 -31.50 2.02 9.60
CA GLU A 74 -32.58 1.78 8.65
C GLU A 74 -32.10 1.12 7.36
N HIS A 75 -30.82 1.31 7.05
CA HIS A 75 -30.26 0.77 5.82
C HIS A 75 -30.13 -0.75 5.87
N ARG A 76 -30.04 -1.36 4.69
CA ARG A 76 -29.96 -2.81 4.59
C ARG A 76 -28.64 -3.36 5.14
N GLY A 77 -28.71 -4.56 5.71
CA GLY A 77 -27.54 -5.23 6.23
C GLY A 77 -27.49 -5.19 7.75
N THR A 78 -26.35 -5.57 8.28
CA THR A 78 -26.13 -5.56 9.72
C THR A 78 -25.12 -4.48 10.04
N HIS A 79 -25.39 -3.68 11.07
CA HIS A 79 -24.58 -2.50 11.34
C HIS A 79 -23.84 -2.62 12.65
N TRP A 80 -22.64 -2.04 12.70
CA TRP A 80 -21.76 -2.16 13.85
C TRP A 80 -21.12 -0.82 14.17
N ASN A 81 -21.07 -0.45 15.44
CA ASN A 81 -20.30 0.71 15.81
C ASN A 81 -18.88 0.33 16.20
N MET A 82 -17.91 1.13 15.78
CA MET A 82 -16.54 0.88 16.21
C MET A 82 -15.89 2.19 16.60
N THR A 83 -15.25 2.18 17.76
CA THR A 83 -14.40 3.29 18.13
C THR A 83 -13.20 3.23 17.21
N VAL A 84 -12.63 4.38 16.86
CA VAL A 84 -11.40 4.37 16.08
C VAL A 84 -10.28 5.05 16.86
N THR A 85 -9.09 4.47 16.76
CA THR A 85 -7.90 5.05 17.34
C THR A 85 -7.07 5.70 16.23
N ASN A 86 -5.92 6.28 16.59
CA ASN A 86 -4.94 6.59 15.56
C ASN A 86 -4.49 5.29 14.91
N LEU A 87 -3.99 5.36 13.69
CA LEU A 87 -3.52 4.16 13.02
C LEU A 87 -2.41 3.44 13.78
N ASN A 88 -1.62 4.16 14.56
CA ASN A 88 -0.57 3.49 15.32
C ASN A 88 -1.10 2.89 16.63
N GLY A 89 -2.41 2.95 16.84
CA GLY A 89 -3.01 2.29 17.98
C GLY A 89 -3.20 3.17 19.20
N THR A 90 -2.52 4.31 19.25
CA THR A 90 -2.75 5.24 20.36
C THR A 90 -4.13 5.90 20.24
N PRO A 91 -4.73 6.29 21.38
CA PRO A 91 -6.06 6.89 21.30
C PRO A 91 -6.05 8.16 20.49
N PHE A 92 -7.09 8.36 19.68
CA PHE A 92 -7.23 9.60 18.93
C PHE A 92 -7.66 10.69 19.88
N ASP A 93 -6.91 11.79 19.86
CA ASP A 93 -7.19 12.95 20.70
C ASP A 93 -7.89 14.01 19.87
N PRO A 94 -9.20 14.15 20.05
CA PRO A 94 -10.02 15.04 19.23
C PRO A 94 -9.60 16.51 19.35
N THR A 95 -8.76 16.83 20.33
CA THR A 95 -8.29 18.21 20.48
C THR A 95 -7.09 18.52 19.60
N GLU A 96 -6.50 17.50 18.99
CA GLU A 96 -5.40 17.75 18.05
C GLU A 96 -5.90 18.51 16.83
N ASP A 97 -5.00 19.29 16.22
CA ASP A 97 -5.37 20.17 15.11
C ASP A 97 -5.36 19.42 13.79
N VAL A 98 -6.20 18.40 13.69
CA VAL A 98 -6.36 17.64 12.46
C VAL A 98 -7.86 17.51 12.22
N PRO A 99 -8.26 17.27 10.95
CA PRO A 99 -9.70 17.20 10.72
C PRO A 99 -10.32 15.92 11.28
N ALA A 100 -9.49 14.90 11.48
CA ALA A 100 -9.90 13.54 11.76
C ALA A 100 -8.63 12.70 11.93
N PRO A 101 -8.74 11.44 12.39
CA PRO A 101 -7.52 10.62 12.47
C PRO A 101 -6.85 10.56 11.10
N LEU A 102 -5.52 10.62 11.07
CA LEU A 102 -4.84 10.57 9.79
C LEU A 102 -5.19 9.27 9.08
N GLY A 103 -5.42 9.36 7.77
CA GLY A 103 -5.81 8.21 6.96
C GLY A 103 -7.31 8.15 6.72
N THR A 104 -8.10 8.85 7.53
CA THR A 104 -9.55 8.88 7.34
C THR A 104 -9.91 9.20 5.89
N PRO A 105 -10.89 8.50 5.31
CA PRO A 105 -11.31 8.84 3.94
C PRO A 105 -11.70 10.31 3.78
N ASP A 106 -11.44 10.88 2.61
CA ASP A 106 -11.68 12.31 2.43
C ASP A 106 -12.76 12.58 1.39
N PHE A 107 -13.63 11.61 1.16
CA PHE A 107 -14.70 11.79 0.18
C PHE A 107 -15.99 11.10 0.61
N SER A 108 -17.10 11.57 0.05
CA SER A 108 -18.40 10.96 0.26
C SER A 108 -18.55 9.70 -0.57
N GLY A 109 -18.97 8.62 0.07
CA GLY A 109 -19.26 7.41 -0.66
C GLY A 109 -19.43 6.20 0.22
N GLN A 110 -19.72 5.07 -0.41
CA GLN A 110 -19.81 3.78 0.28
C GLN A 110 -18.51 3.02 0.07
N ILE A 111 -17.62 3.09 1.05
CA ILE A 111 -16.32 2.48 0.89
C ILE A 111 -16.41 1.01 1.28
N TYR A 112 -16.04 0.15 0.33
CA TYR A 112 -16.11 -1.28 0.47
C TYR A 112 -14.74 -1.83 0.85
N GLY A 113 -14.73 -2.79 1.77
CA GLY A 113 -13.48 -3.39 2.17
C GLY A 113 -13.74 -4.57 3.06
N VAL A 114 -12.74 -4.89 3.89
CA VAL A 114 -12.81 -6.04 4.78
C VAL A 114 -12.54 -5.59 6.20
N ILE A 115 -13.46 -5.90 7.10
CA ILE A 115 -13.20 -5.78 8.52
C ILE A 115 -12.60 -7.09 9.04
N SER A 116 -11.45 -7.00 9.71
CA SER A 116 -10.88 -8.19 10.31
C SER A 116 -10.63 -7.96 11.79
N GLN A 117 -10.65 -9.05 12.55
CA GLN A 117 -10.44 -8.99 13.99
C GLN A 117 -9.48 -10.09 14.43
N ARG A 118 -8.59 -9.73 15.37
CA ARG A 118 -7.77 -10.69 16.08
C ARG A 118 -8.00 -10.45 17.56
N ASN A 119 -8.58 -11.43 18.23
CA ASN A 119 -8.98 -11.24 19.62
C ASN A 119 -7.81 -10.97 20.55
N THR A 120 -8.07 -10.19 21.60
CA THR A 120 -7.06 -9.89 22.61
C THR A 120 -6.78 -11.12 23.46
N ASN A 121 -7.84 -11.79 23.87
CA ASN A 121 -7.75 -12.95 24.73
C ASN A 121 -7.37 -14.17 23.91
N THR A 122 -6.64 -15.08 24.52
CA THR A 122 -6.21 -16.28 23.81
C THR A 122 -6.82 -17.51 24.46
N VAL A 123 -6.78 -18.62 23.75
CA VAL A 123 -7.40 -19.86 24.19
C VAL A 123 -6.33 -20.90 24.49
N PRO A 124 -6.26 -21.39 25.74
CA PRO A 124 -5.27 -22.38 26.11
C PRO A 124 -5.37 -23.64 25.25
N GLY A 125 -6.60 -24.06 24.96
CA GLY A 125 -6.84 -25.26 24.17
C GLY A 125 -6.46 -25.10 22.71
N GLU A 126 -6.13 -23.88 22.30
CA GLU A 126 -5.73 -23.61 20.93
C GLU A 126 -4.29 -23.11 20.88
N GLY A 127 -3.48 -23.57 21.82
CA GLY A 127 -2.06 -23.23 21.85
C GLY A 127 -1.81 -21.81 22.32
N ASN A 128 -2.71 -21.29 23.14
CA ASN A 128 -2.62 -19.93 23.64
C ASN A 128 -2.64 -18.92 22.50
N LEU A 129 -3.51 -19.16 21.52
CA LEU A 129 -3.66 -18.28 20.37
C LEU A 129 -5.05 -17.68 20.33
N PRO A 130 -5.16 -16.48 19.75
CA PRO A 130 -6.46 -15.79 19.64
C PRO A 130 -7.31 -16.26 18.47
N ALA A 131 -8.62 -16.15 18.62
CA ALA A 131 -9.57 -16.39 17.54
C ALA A 131 -9.63 -15.17 16.61
N ASN A 132 -9.92 -15.41 15.33
CA ASN A 132 -9.94 -14.40 14.30
C ASN A 132 -11.21 -14.49 13.49
N ARG A 133 -11.59 -13.38 12.85
CA ARG A 133 -12.63 -13.44 11.83
C ARG A 133 -12.50 -12.23 10.91
N ALA A 134 -12.94 -12.39 9.67
CA ALA A 134 -12.99 -11.27 8.76
C ALA A 134 -14.22 -11.37 7.88
N HIS A 135 -14.77 -10.23 7.51
CA HIS A 135 -15.94 -10.19 6.63
C HIS A 135 -15.93 -8.92 5.79
N GLU A 136 -16.57 -8.98 4.63
CA GLU A 136 -16.78 -7.79 3.86
C GLU A 136 -17.57 -6.78 4.67
N ALA A 137 -17.28 -5.52 4.43
CA ALA A 137 -17.90 -4.43 5.15
C ALA A 137 -17.97 -3.19 4.29
N VAL A 138 -18.93 -2.33 4.60
CA VAL A 138 -19.09 -1.07 3.89
C VAL A 138 -19.11 0.06 4.89
N ILE A 139 -18.38 1.14 4.60
CA ILE A 139 -18.43 2.34 5.43
C ILE A 139 -19.02 3.48 4.61
N ALA A 140 -20.20 3.94 5.02
CA ALA A 140 -20.86 5.06 4.37
C ALA A 140 -20.34 6.36 4.99
N THR A 141 -19.45 7.06 4.29
CA THR A 141 -18.81 8.22 4.90
C THR A 141 -19.73 9.43 4.98
N TYR A 142 -20.86 9.37 4.28
CA TYR A 142 -21.86 10.45 4.29
C TYR A 142 -22.85 10.28 5.43
N SER A 143 -22.78 9.14 6.09
CA SER A 143 -23.74 8.81 7.15
C SER A 143 -23.60 9.70 8.37
N PRO A 144 -24.73 10.00 9.03
CA PRO A 144 -24.61 10.76 10.29
C PRO A 144 -23.83 9.99 11.37
N LYS A 145 -23.63 8.69 11.18
CA LYS A 145 -22.91 7.87 12.15
C LYS A 145 -21.41 7.81 11.85
N PHE A 146 -21.01 8.42 10.74
CA PHE A 146 -19.59 8.54 10.40
C PHE A 146 -19.01 9.75 11.12
N THR A 147 -18.48 9.54 12.31
CA THR A 147 -17.95 10.64 13.11
C THR A 147 -16.53 10.35 13.61
N PRO A 148 -15.59 10.12 12.66
CA PRO A 148 -14.23 9.74 13.04
C PRO A 148 -13.55 10.77 13.94
N LYS A 149 -13.88 12.06 13.76
CA LYS A 149 -13.28 13.13 14.56
C LYS A 149 -13.74 13.02 16.02
N LEU A 150 -14.90 12.39 16.21
CA LEU A 150 -15.38 12.11 17.55
C LEU A 150 -14.87 10.76 18.06
N GLY A 151 -14.14 10.03 17.23
CA GLY A 151 -13.55 8.79 17.70
C GLY A 151 -14.39 7.53 17.46
N ASN A 152 -15.40 7.62 16.61
CA ASN A 152 -16.15 6.41 16.26
C ASN A 152 -16.88 6.48 14.92
N ILE A 153 -17.02 5.33 14.30
CA ILE A 153 -17.72 5.26 13.01
C ILE A 153 -18.60 4.02 13.01
N GLN A 154 -19.39 3.89 11.96
CA GLN A 154 -20.28 2.76 11.81
C GLN A 154 -19.96 2.06 10.49
N PHE A 155 -19.97 0.74 10.51
CA PHE A 155 -19.85 0.02 9.25
C PHE A 155 -20.94 -1.02 9.16
N SER A 156 -21.25 -1.45 7.95
CA SER A 156 -22.26 -2.48 7.75
C SER A 156 -21.64 -3.72 7.14
N THR A 157 -22.24 -4.87 7.41
CA THR A 157 -21.77 -6.14 6.87
C THR A 157 -22.92 -6.89 6.25
N TRP A 158 -22.62 -7.80 5.33
CA TRP A 158 -23.64 -8.74 4.89
C TRP A 158 -23.79 -9.81 5.96
N GLU A 159 -22.68 -10.17 6.60
CA GLU A 159 -22.65 -11.10 7.71
C GLU A 159 -23.50 -10.59 8.87
N THR A 160 -24.39 -11.43 9.39
CA THR A 160 -25.37 -10.96 10.38
C THR A 160 -24.97 -11.12 11.84
N GLN A 161 -23.96 -11.93 12.12
CA GLN A 161 -23.68 -12.25 13.51
C GLN A 161 -22.19 -12.26 13.88
N ASP A 162 -21.34 -12.71 12.96
CA ASP A 162 -19.97 -13.06 13.32
C ASP A 162 -19.01 -11.87 13.34
N VAL A 163 -19.36 -10.85 14.11
CA VAL A 163 -18.47 -9.73 14.40
C VAL A 163 -18.45 -9.55 15.91
N SER A 164 -17.27 -9.62 16.52
CA SER A 164 -17.18 -9.65 17.98
C SER A 164 -17.03 -8.27 18.63
N SER A 165 -17.72 -8.03 19.74
CA SER A 165 -17.55 -6.76 20.46
C SER A 165 -16.31 -6.74 21.35
N GLY A 166 -15.72 -5.56 21.48
CA GLY A 166 -14.58 -5.34 22.36
C GLY A 166 -13.30 -5.98 21.88
N GLN A 167 -13.21 -6.26 20.58
CA GLN A 167 -12.03 -6.89 20.02
C GLN A 167 -11.36 -6.00 18.98
N PRO A 168 -10.02 -6.01 18.94
CA PRO A 168 -9.26 -5.20 17.98
C PRO A 168 -9.71 -5.44 16.56
N THR A 169 -9.98 -4.36 15.85
CA THR A 169 -10.63 -4.42 14.55
C THR A 169 -9.88 -3.56 13.54
N LYS A 170 -9.71 -4.10 12.34
CA LYS A 170 -8.99 -3.43 11.27
C LYS A 170 -9.92 -3.30 10.10
N PHE A 171 -9.95 -2.14 9.44
CA PHE A 171 -10.64 -2.03 8.16
C PHE A 171 -9.62 -1.88 7.04
N THR A 172 -9.62 -2.85 6.12
CA THR A 172 -8.78 -2.77 4.91
C THR A 172 -9.67 -2.34 3.73
N PRO A 173 -9.40 -1.15 3.16
CA PRO A 173 -10.23 -0.67 2.04
C PRO A 173 -9.94 -1.45 0.77
N VAL A 174 -10.96 -1.68 -0.05
CA VAL A 174 -10.77 -2.37 -1.33
C VAL A 174 -11.31 -1.54 -2.48
N GLY A 175 -12.45 -0.89 -2.28
CA GLY A 175 -13.02 -0.11 -3.35
C GLY A 175 -14.28 0.57 -2.89
N LEU A 176 -15.28 0.65 -3.78
CA LEU A 176 -16.58 1.25 -3.44
C LEU A 176 -17.65 0.17 -3.49
N ALA A 177 -18.70 0.31 -2.70
CA ALA A 177 -19.78 -0.67 -2.69
C ALA A 177 -20.68 -0.48 -3.92
N SER A 178 -20.86 0.77 -4.32
CA SER A 178 -21.80 1.16 -5.37
C SER A 178 -21.50 2.58 -5.80
N VAL A 179 -21.88 2.95 -7.02
CA VAL A 179 -21.91 4.36 -7.38
C VAL A 179 -23.29 4.77 -7.90
N ASP A 180 -24.32 4.03 -7.48
CA ASP A 180 -25.74 4.42 -7.67
C ASP A 180 -26.04 5.79 -7.12
N ALA A 181 -27.16 6.37 -7.53
CA ALA A 181 -27.58 7.66 -6.98
C ALA A 181 -27.67 7.62 -5.45
N ASN A 182 -28.23 6.53 -4.93
CA ASN A 182 -28.42 6.40 -3.50
C ASN A 182 -27.15 6.06 -2.71
N SER A 183 -26.02 5.94 -3.41
CA SER A 183 -24.76 5.62 -2.72
C SER A 183 -23.86 6.86 -2.53
N HIS A 184 -24.30 7.98 -3.11
CA HIS A 184 -23.71 9.29 -2.82
C HIS A 184 -22.19 9.35 -3.01
N PHE A 185 -21.69 8.79 -4.10
CA PHE A 185 -20.27 8.93 -4.38
C PHE A 185 -20.02 10.31 -4.99
N ASP A 186 -19.16 11.08 -4.34
CA ASP A 186 -18.68 12.34 -4.87
C ASP A 186 -17.28 12.54 -4.30
N GLN A 187 -16.27 12.40 -5.15
CA GLN A 187 -14.92 12.41 -4.63
C GLN A 187 -14.48 13.77 -4.10
N TRP A 188 -15.22 14.84 -4.43
CA TRP A 188 -14.84 16.16 -3.95
C TRP A 188 -15.71 16.66 -2.80
N THR A 189 -16.68 15.86 -2.36
CA THR A 189 -17.46 16.24 -1.18
C THR A 189 -16.82 15.62 0.06
N LEU A 190 -16.35 16.47 0.98
CA LEU A 190 -15.75 15.95 2.21
C LEU A 190 -16.80 15.32 3.10
N PRO A 191 -16.41 14.28 3.84
CA PRO A 191 -17.31 13.84 4.91
C PRO A 191 -17.45 14.93 5.97
N SER A 192 -18.53 14.87 6.73
CA SER A 192 -18.66 15.67 7.96
C SER A 192 -18.00 14.89 9.09
N TYR A 193 -16.76 15.22 9.40
CA TYR A 193 -15.96 14.36 10.26
C TYR A 193 -16.51 14.24 11.68
N SER A 194 -17.31 15.21 12.11
CA SER A 194 -17.89 15.18 13.45
C SER A 194 -19.39 14.94 13.40
N GLY A 195 -19.90 14.56 12.24
CA GLY A 195 -21.30 14.25 12.08
C GLY A 195 -22.12 15.31 11.40
N ALA A 196 -23.41 15.04 11.24
CA ALA A 196 -24.26 15.94 10.48
C ALA A 196 -24.31 17.31 11.15
N LEU A 197 -24.32 18.34 10.30
CA LEU A 197 -24.51 19.72 10.72
C LEU A 197 -23.30 20.34 11.42
N THR A 198 -22.20 19.60 11.54
CA THR A 198 -21.01 20.18 12.18
C THR A 198 -20.02 20.67 11.13
N LEU A 199 -19.29 21.72 11.47
CA LEU A 199 -18.25 22.26 10.61
C LEU A 199 -16.93 21.48 10.72
N ASN A 200 -16.39 21.04 9.60
CA ASN A 200 -15.06 20.44 9.56
C ASN A 200 -14.01 21.47 9.92
N MET A 201 -12.93 21.05 10.59
CA MET A 201 -11.89 22.01 10.99
C MET A 201 -10.50 21.54 10.59
N ASN A 202 -9.54 22.45 10.64
CA ASN A 202 -8.13 22.13 10.40
C ASN A 202 -7.89 21.55 9.01
N LEU A 203 -8.70 21.97 8.04
CA LEU A 203 -8.61 21.41 6.70
C LEU A 203 -7.41 21.93 5.94
N ALA A 204 -6.79 21.07 5.13
CA ALA A 204 -5.87 21.52 4.11
C ALA A 204 -6.66 22.44 3.17
N PRO A 205 -6.02 23.50 2.65
CA PRO A 205 -6.75 24.48 1.85
C PRO A 205 -7.26 23.95 0.51
N SER A 206 -8.27 24.59 -0.05
CA SER A 206 -8.72 24.29 -1.40
C SER A 206 -7.62 24.66 -2.39
N VAL A 207 -7.61 24.03 -3.55
CA VAL A 207 -6.63 24.36 -4.58
C VAL A 207 -7.32 24.72 -5.88
N ALA A 208 -6.68 25.57 -6.67
CA ALA A 208 -7.26 26.01 -7.93
C ALA A 208 -6.22 26.71 -8.80
N PRO A 209 -6.42 26.69 -10.11
CA PRO A 209 -5.57 27.52 -10.96
C PRO A 209 -5.88 28.99 -10.72
N VAL A 210 -4.85 29.85 -10.81
CA VAL A 210 -5.05 31.28 -10.66
C VAL A 210 -4.77 32.01 -11.98
N PHE A 211 -4.11 31.30 -12.89
CA PHE A 211 -3.62 31.88 -14.13
C PHE A 211 -4.64 31.51 -15.22
N PRO A 212 -4.91 32.44 -16.16
CA PRO A 212 -5.88 32.10 -17.21
C PRO A 212 -5.35 31.02 -18.15
N GLY A 213 -6.24 30.13 -18.59
CA GLY A 213 -5.85 29.06 -19.49
C GLY A 213 -5.31 27.82 -18.76
N GLU A 214 -5.17 27.90 -17.44
CA GLU A 214 -4.64 26.77 -16.69
C GLU A 214 -5.75 25.99 -16.00
N CYS A 215 -5.50 24.70 -15.77
CA CYS A 215 -6.42 23.84 -15.05
C CYS A 215 -5.60 22.90 -14.15
N LEU A 216 -6.24 22.34 -13.12
CA LEU A 216 -5.59 21.35 -12.28
C LEU A 216 -5.20 20.12 -13.09
N LEU A 217 -4.06 19.53 -12.75
CA LEU A 217 -3.67 18.24 -13.31
C LEU A 217 -3.68 17.19 -12.20
N PHE A 218 -4.40 16.10 -12.43
CA PHE A 218 -4.58 15.07 -11.42
C PHE A 218 -3.88 13.77 -11.76
N PHE A 219 -3.53 13.02 -10.73
CA PHE A 219 -3.10 11.64 -10.90
C PHE A 219 -4.31 10.74 -10.64
N ARG A 220 -4.82 10.09 -11.68
CA ARG A 220 -6.08 9.37 -11.60
C ARG A 220 -5.92 7.87 -11.46
N SER A 221 -6.73 7.28 -10.58
CA SER A 221 -6.80 5.82 -10.41
C SER A 221 -8.24 5.37 -10.54
N PHE A 222 -8.49 4.25 -11.19
CA PHE A 222 -9.82 3.69 -11.20
C PHE A 222 -10.01 2.77 -10.01
N ILE A 223 -11.16 2.90 -9.35
CA ILE A 223 -11.41 2.23 -8.09
C ILE A 223 -12.40 1.08 -8.30
N PRO A 224 -12.10 -0.09 -7.72
CA PRO A 224 -12.95 -1.27 -7.86
C PRO A 224 -14.35 -1.06 -7.31
N LEU A 225 -15.32 -1.79 -7.86
CA LEU A 225 -16.71 -1.77 -7.39
C LEU A 225 -17.18 -3.15 -6.94
N LYS A 226 -17.87 -3.20 -5.81
CA LYS A 226 -18.49 -4.44 -5.33
C LYS A 226 -19.58 -4.91 -6.30
N GLY A 227 -20.30 -3.97 -6.88
CA GLY A 227 -21.37 -4.32 -7.80
C GLY A 227 -21.93 -3.13 -8.54
N GLY A 228 -22.81 -3.40 -9.49
CA GLY A 228 -23.47 -2.33 -10.22
C GLY A 228 -22.68 -1.85 -11.42
N TYR A 229 -23.15 -0.78 -12.02
CA TYR A 229 -22.53 -0.23 -13.23
C TYR A 229 -21.69 0.98 -12.87
N GLY A 230 -20.60 1.17 -13.61
CA GLY A 230 -19.77 2.33 -13.43
C GLY A 230 -18.30 2.07 -13.66
N ASN A 231 -17.56 3.16 -13.87
CA ASN A 231 -16.11 3.11 -13.95
C ASN A 231 -15.56 4.22 -13.06
N PRO A 232 -15.82 4.15 -11.73
CA PRO A 232 -15.43 5.29 -10.90
C PRO A 232 -13.91 5.47 -10.78
N ALA A 233 -13.51 6.73 -10.60
CA ALA A 233 -12.12 7.10 -10.47
C ALA A 233 -11.90 7.98 -9.25
N ILE A 234 -10.68 7.94 -8.75
CA ILE A 234 -10.24 8.81 -7.66
C ILE A 234 -9.03 9.60 -8.12
N ASP A 235 -9.12 10.92 -8.04
CA ASP A 235 -8.05 11.81 -8.49
C ASP A 235 -7.28 12.39 -7.30
N CYS A 236 -5.96 12.22 -7.27
CA CYS A 236 -5.18 12.85 -6.22
C CYS A 236 -4.30 13.96 -6.79
N LEU A 237 -3.93 14.91 -5.94
CA LEU A 237 -3.13 16.06 -6.37
C LEU A 237 -1.67 15.69 -6.58
N MET A 238 -1.20 14.74 -5.78
CA MET A 238 0.18 14.22 -5.88
C MET A 238 0.14 12.78 -5.43
N PRO A 239 0.92 11.90 -6.09
CA PRO A 239 0.94 10.49 -5.68
C PRO A 239 1.54 10.33 -4.31
N GLN A 240 1.30 9.19 -3.68
CA GLN A 240 1.77 8.98 -2.32
C GLN A 240 3.29 9.04 -2.25
N GLU A 241 3.96 8.60 -3.30
CA GLU A 241 5.43 8.64 -3.32
C GLU A 241 5.98 10.07 -3.30
N TRP A 242 5.22 11.02 -3.84
CA TRP A 242 5.66 12.41 -3.80
C TRP A 242 5.52 12.96 -2.38
N VAL A 243 4.40 12.66 -1.74
CA VAL A 243 4.21 12.99 -0.33
C VAL A 243 5.38 12.46 0.51
N GLN A 244 5.71 11.20 0.28
CA GLN A 244 6.79 10.58 1.04
C GLN A 244 8.15 11.24 0.76
N HIS A 245 8.39 11.56 -0.50
CA HIS A 245 9.65 12.20 -0.91
C HIS A 245 9.77 13.61 -0.35
N LEU A 246 8.72 14.41 -0.53
CA LEU A 246 8.75 15.79 -0.05
C LEU A 246 8.96 15.84 1.46
N TYR A 247 8.29 14.93 2.17
CA TYR A 247 8.45 14.84 3.62
C TYR A 247 9.89 14.54 4.01
N GLN A 248 10.50 13.57 3.33
CA GLN A 248 11.90 13.20 3.56
C GLN A 248 12.82 14.38 3.36
N GLU A 249 12.69 15.01 2.20
CA GLU A 249 13.62 16.04 1.74
C GLU A 249 13.48 17.36 2.49
N SER A 250 12.25 17.81 2.66
CA SER A 250 11.94 19.09 3.29
C SER A 250 12.80 20.24 2.74
N ALA A 251 12.90 20.29 1.42
CA ALA A 251 13.66 21.33 0.73
C ALA A 251 12.92 22.66 0.77
N PRO A 252 13.62 23.75 1.12
CA PRO A 252 12.96 25.06 1.16
C PRO A 252 12.36 25.42 -0.19
N SER A 253 11.16 25.99 -0.19
CA SER A 253 10.54 26.46 -1.43
C SER A 253 11.07 27.85 -1.77
N LEU A 254 11.71 27.99 -2.93
CA LEU A 254 12.41 29.23 -3.28
C LEU A 254 11.50 30.22 -4.03
N SER A 255 10.30 29.78 -4.37
CA SER A 255 9.23 30.66 -4.84
C SER A 255 7.90 29.94 -4.62
N ASP A 256 6.81 30.51 -5.11
CA ASP A 256 5.50 29.91 -4.92
C ASP A 256 5.20 28.83 -5.96
N VAL A 257 6.06 28.75 -6.98
CA VAL A 257 5.81 27.87 -8.11
C VAL A 257 7.09 27.22 -8.62
N ALA A 258 7.09 25.90 -8.68
CA ALA A 258 8.17 25.14 -9.29
C ALA A 258 7.78 24.71 -10.69
N LEU A 259 8.59 25.09 -11.68
CA LEU A 259 8.37 24.64 -13.04
C LEU A 259 8.87 23.21 -13.18
N VAL A 260 8.01 22.31 -13.64
CA VAL A 260 8.39 20.92 -13.87
C VAL A 260 8.07 20.52 -15.32
N ARG A 261 8.86 19.60 -15.84
CA ARG A 261 8.69 19.14 -17.21
C ARG A 261 8.41 17.64 -17.17
N TYR A 262 7.40 17.23 -17.93
CA TYR A 262 7.10 15.82 -18.09
C TYR A 262 7.95 15.29 -19.23
N VAL A 263 8.87 14.38 -18.92
CA VAL A 263 9.88 13.99 -19.89
C VAL A 263 9.79 12.52 -20.29
N ASN A 264 10.02 12.27 -21.57
CA ASN A 264 10.25 10.92 -22.06
C ASN A 264 11.73 10.62 -21.98
N PRO A 265 12.12 9.73 -21.04
CA PRO A 265 13.54 9.43 -20.80
C PRO A 265 14.23 8.80 -22.01
N GLU A 266 13.51 8.04 -22.83
CA GLU A 266 14.08 7.48 -24.04
C GLU A 266 14.51 8.59 -25.00
N THR A 267 13.57 9.40 -25.43
CA THR A 267 13.84 10.47 -26.39
C THR A 267 14.52 11.66 -25.73
N GLY A 268 14.34 11.80 -24.43
CA GLY A 268 14.86 12.95 -23.69
C GLY A 268 13.98 14.18 -23.87
N ARG A 269 13.00 14.07 -24.74
CA ARG A 269 12.14 15.20 -25.10
C ARG A 269 11.13 15.52 -23.99
N THR A 270 10.81 16.80 -23.86
CA THR A 270 9.78 17.26 -22.96
C THR A 270 8.42 17.09 -23.61
N LEU A 271 7.53 16.31 -22.99
CA LEU A 271 6.18 16.11 -23.50
C LEU A 271 5.26 17.31 -23.23
N PHE A 272 5.36 17.85 -22.02
CA PHE A 272 4.68 19.09 -21.68
C PHE A 272 5.29 19.64 -20.41
N GLU A 273 4.95 20.87 -20.07
CA GLU A 273 5.39 21.43 -18.79
C GLU A 273 4.21 21.78 -17.92
N ALA A 274 4.47 21.89 -16.61
CA ALA A 274 3.43 22.14 -15.61
C ALA A 274 3.99 23.04 -14.52
N LYS A 275 3.10 23.72 -13.82
CA LYS A 275 3.46 24.39 -12.59
C LYS A 275 3.19 23.49 -11.39
N LEU A 276 4.19 23.30 -10.54
CA LEU A 276 4.01 22.62 -9.28
C LEU A 276 3.95 23.67 -8.18
N HIS A 277 2.76 23.88 -7.63
CA HIS A 277 2.54 24.96 -6.67
C HIS A 277 2.97 24.59 -5.26
N ARG A 278 3.37 25.61 -4.51
CA ARG A 278 3.92 25.47 -3.17
C ARG A 278 3.07 24.60 -2.24
N ASN A 279 1.76 24.70 -2.37
CA ASN A 279 0.86 23.97 -1.49
CA ASN A 279 0.84 23.96 -1.50
C ASN A 279 0.70 22.49 -1.87
N GLY A 280 1.29 22.10 -2.99
CA GLY A 280 1.33 20.70 -3.38
C GLY A 280 0.30 20.25 -4.40
N PHE A 281 0.31 20.91 -5.56
CA PHE A 281 -0.60 20.52 -6.64
C PHE A 281 -0.08 21.09 -7.94
N LEU A 282 -0.58 20.54 -9.05
CA LEU A 282 -0.13 20.86 -10.39
C LEU A 282 -1.18 21.58 -11.21
N THR A 283 -0.74 22.52 -12.04
CA THR A 283 -1.60 23.07 -13.07
C THR A 283 -0.88 22.97 -14.42
N VAL A 284 -1.66 22.84 -15.47
CA VAL A 284 -1.16 22.81 -16.84
C VAL A 284 -1.98 23.76 -17.69
N ALA A 285 -1.42 24.18 -18.82
CA ALA A 285 -2.16 24.98 -19.78
C ALA A 285 -2.82 24.02 -20.77
N ARG A 286 -4.05 23.64 -20.44
CA ARG A 286 -4.83 22.70 -21.24
C ARG A 286 -6.29 23.14 -21.30
N ASN A 287 -6.89 22.98 -22.47
CA ASN A 287 -8.23 23.47 -22.72
C ASN A 287 -9.23 22.35 -22.91
N SER A 288 -8.95 21.19 -22.33
CA SER A 288 -9.84 20.04 -22.49
C SER A 288 -9.88 19.17 -21.23
N ALA A 289 -10.90 18.34 -21.15
CA ALA A 289 -11.02 17.40 -20.05
C ALA A 289 -10.65 16.01 -20.55
N GLY A 290 -10.16 15.16 -19.65
CA GLY A 290 -9.85 13.80 -20.00
C GLY A 290 -8.43 13.38 -19.73
N PRO A 291 -8.09 12.14 -20.09
CA PRO A 291 -6.75 11.63 -19.85
C PRO A 291 -5.69 12.39 -20.65
N VAL A 292 -4.49 12.42 -20.09
CA VAL A 292 -3.30 12.86 -20.81
C VAL A 292 -2.68 11.62 -21.41
N VAL A 293 -2.75 11.50 -22.72
CA VAL A 293 -2.25 10.30 -23.39
C VAL A 293 -0.76 10.44 -23.66
N ALA A 294 0.04 9.73 -22.88
CA ALA A 294 1.48 9.91 -22.91
C ALA A 294 2.20 8.59 -22.77
N PRO A 295 3.42 8.50 -23.31
CA PRO A 295 4.19 7.26 -23.20
C PRO A 295 4.29 6.82 -21.75
N THR A 296 4.42 5.51 -21.55
CA THR A 296 4.41 4.93 -20.21
C THR A 296 5.67 5.26 -19.40
N ASN A 297 6.76 5.57 -20.07
CA ASN A 297 8.03 5.81 -19.36
C ASN A 297 8.16 7.23 -18.80
N GLY A 298 7.14 8.06 -18.99
CA GLY A 298 7.24 9.48 -18.65
C GLY A 298 7.29 9.78 -17.17
N TYR A 299 7.98 10.87 -16.79
CA TYR A 299 8.02 11.32 -15.40
C TYR A 299 8.28 12.82 -15.31
N PHE A 300 7.87 13.42 -14.20
CA PHE A 300 8.11 14.84 -13.97
C PHE A 300 9.53 15.09 -13.49
N ARG A 301 10.15 16.12 -14.05
CA ARG A 301 11.51 16.50 -13.66
C ARG A 301 11.49 17.97 -13.26
N PHE A 302 12.03 18.28 -12.08
CA PHE A 302 12.07 19.66 -11.63
C PHE A 302 13.03 20.46 -12.50
N ASP A 303 12.55 21.59 -13.00
CA ASP A 303 13.33 22.44 -13.88
C ASP A 303 13.89 23.63 -13.10
N SER A 304 13.00 24.45 -12.56
CA SER A 304 13.44 25.64 -11.83
C SER A 304 12.29 26.28 -11.06
N TRP A 305 12.65 27.14 -10.12
CA TRP A 305 11.65 27.97 -9.45
C TRP A 305 11.34 29.16 -10.35
N VAL A 306 10.07 29.48 -10.53
CA VAL A 306 9.72 30.61 -11.38
C VAL A 306 8.87 31.61 -10.61
N ASN A 307 8.64 32.77 -11.21
CA ASN A 307 7.89 33.83 -10.54
C ASN A 307 6.45 33.91 -11.00
N GLN A 308 5.74 34.93 -10.51
CA GLN A 308 4.31 35.07 -10.79
C GLN A 308 4.02 35.37 -12.27
N PHE A 309 5.04 35.70 -13.04
CA PHE A 309 4.83 36.10 -14.44
C PHE A 309 4.99 34.95 -15.47
N TYR A 310 5.45 33.78 -15.02
CA TYR A 310 5.74 32.71 -15.98
C TYR A 310 4.49 32.12 -16.63
N THR A 311 4.50 32.01 -17.96
CA THR A 311 3.40 31.44 -18.74
C THR A 311 3.76 30.06 -19.27
N LEU A 312 2.94 29.05 -18.98
CA LEU A 312 3.21 27.70 -19.47
C LEU A 312 2.96 27.56 -20.98
N ALA A 313 3.82 26.81 -21.65
CA ALA A 313 3.54 26.33 -23.00
C ALA A 313 2.32 25.41 -22.98
N PRO A 314 1.35 25.67 -23.86
CA PRO A 314 0.15 24.83 -24.00
C PRO A 314 0.48 23.35 -24.17
N MET A 315 -0.33 22.46 -23.61
CA MET A 315 -0.10 21.04 -23.74
C MET A 315 -0.36 20.54 -25.16
N LYS B 2 28.70 8.96 -5.04
CA LYS B 2 27.41 9.30 -4.42
C LYS B 2 27.21 8.52 -3.12
N PRO B 3 27.06 9.26 -2.00
CA PRO B 3 26.96 8.68 -0.65
C PRO B 3 25.73 7.79 -0.45
N PHE B 4 25.94 6.62 0.15
CA PHE B 4 24.83 5.75 0.50
C PHE B 4 24.02 6.36 1.63
N THR B 5 22.68 6.26 1.54
CA THR B 5 21.80 6.77 2.57
C THR B 5 20.59 5.84 2.76
N LEU B 6 19.98 5.90 3.94
CA LEU B 6 18.70 5.26 4.18
C LEU B 6 17.69 6.39 4.41
N PRO B 7 16.40 6.12 4.17
CA PRO B 7 15.41 7.16 4.49
C PRO B 7 15.31 7.37 5.99
N ILE B 8 14.76 8.50 6.42
CA ILE B 8 14.55 8.77 7.84
C ILE B 8 13.10 8.48 8.17
N LEU B 9 12.84 7.23 8.53
CA LEU B 9 11.49 6.74 8.76
C LEU B 9 11.49 5.85 9.97
N THR B 10 10.60 6.14 10.90
CA THR B 10 10.47 5.31 12.07
C THR B 10 9.72 4.05 11.68
N LEU B 11 9.68 3.06 12.58
CA LEU B 11 8.97 1.83 12.31
C LEU B 11 7.51 2.11 12.00
N GLY B 12 6.98 3.15 12.63
CA GLY B 12 5.59 3.51 12.42
C GLY B 12 5.34 4.26 11.13
N GLU B 13 6.40 4.43 10.35
CA GLU B 13 6.31 5.11 9.05
C GLU B 13 6.78 4.19 7.92
N LEU B 14 6.87 2.89 8.24
CA LEU B 14 7.36 1.89 7.29
C LEU B 14 6.28 0.87 6.97
N THR B 15 6.34 0.30 5.76
CA THR B 15 5.43 -0.79 5.41
C THR B 15 6.20 -2.03 4.95
N ASN B 16 5.55 -3.18 5.11
CA ASN B 16 6.14 -4.46 4.75
C ASN B 16 6.28 -4.58 3.24
N SER B 17 7.37 -5.20 2.79
CA SER B 17 7.59 -5.35 1.37
C SER B 17 7.08 -6.69 0.85
N ARG B 18 6.60 -7.54 1.75
CA ARG B 18 6.13 -8.88 1.36
C ARG B 18 4.61 -9.07 1.49
N PHE B 19 3.93 -8.11 2.14
CA PHE B 19 2.46 -8.10 2.21
C PHE B 19 2.06 -6.68 2.56
N PRO B 20 0.91 -6.19 2.06
CA PRO B 20 0.52 -4.80 2.33
C PRO B 20 0.11 -4.56 3.80
N LEU B 21 1.12 -4.44 4.65
CA LEU B 21 0.92 -4.26 6.07
C LEU B 21 1.91 -3.21 6.57
N PRO B 22 1.51 -2.46 7.60
CA PRO B 22 2.49 -1.63 8.30
C PRO B 22 3.50 -2.51 9.02
N ILE B 23 4.70 -1.99 9.23
CA ILE B 23 5.67 -2.66 10.07
C ILE B 23 5.26 -2.52 11.53
N ASP B 24 5.21 -3.63 12.24
CA ASP B 24 4.81 -3.60 13.66
C ASP B 24 6.01 -3.58 14.59
N VAL B 25 6.99 -4.43 14.33
CA VAL B 25 8.14 -4.55 15.24
C VAL B 25 9.36 -5.03 14.47
N LEU B 26 10.55 -4.73 14.99
CA LEU B 26 11.76 -5.42 14.55
C LEU B 26 11.81 -6.77 15.26
N TYR B 27 12.41 -7.78 14.64
CA TYR B 27 12.25 -9.13 15.17
C TYR B 27 13.43 -10.02 14.82
N THR B 28 13.83 -10.89 15.74
CA THR B 28 14.85 -11.88 15.44
C THR B 28 14.34 -13.28 15.78
N ASN B 29 14.93 -14.28 15.13
CA ASN B 29 14.66 -15.67 15.45
C ASN B 29 15.87 -16.52 15.07
N PRO B 30 16.90 -16.51 15.92
CA PRO B 30 18.18 -17.17 15.60
C PRO B 30 18.05 -18.67 15.29
N ASN B 31 17.04 -19.33 15.86
CA ASN B 31 16.98 -20.77 15.74
C ASN B 31 16.15 -21.23 14.55
N GLU B 32 15.78 -20.28 13.70
CA GLU B 32 15.05 -20.59 12.47
C GLU B 32 15.80 -21.62 11.65
N SER B 33 15.15 -22.73 11.31
CA SER B 33 15.85 -23.79 10.58
C SER B 33 15.68 -23.63 9.06
N ALA B 34 14.70 -22.86 8.64
CA ALA B 34 14.40 -22.71 7.22
C ALA B 34 15.43 -21.85 6.50
N ILE B 35 15.63 -22.13 5.22
CA ILE B 35 16.40 -21.23 4.37
C ILE B 35 15.57 -19.99 4.06
N VAL B 36 16.13 -18.82 4.33
CA VAL B 36 15.42 -17.56 4.08
C VAL B 36 15.74 -17.07 2.67
N GLN B 37 14.76 -17.15 1.78
CA GLN B 37 14.96 -16.79 0.38
C GLN B 37 13.69 -16.17 -0.20
N CYS B 38 13.12 -15.20 0.51
CA CYS B 38 11.92 -14.53 0.02
C CYS B 38 12.24 -13.77 -1.25
N GLN B 39 11.21 -13.49 -2.07
CA GLN B 39 11.43 -12.96 -3.41
C GLN B 39 10.85 -11.55 -3.55
N ASN B 40 9.97 -11.18 -2.62
CA ASN B 40 9.53 -9.80 -2.52
C ASN B 40 10.33 -9.05 -1.46
N GLY B 41 10.46 -7.74 -1.63
CA GLY B 41 11.31 -6.95 -0.75
C GLY B 41 12.78 -7.28 -0.91
N ARG B 42 13.18 -7.56 -2.15
CA ARG B 42 14.58 -7.90 -2.44
C ARG B 42 15.17 -6.82 -3.32
N CYS B 43 16.21 -6.17 -2.82
CA CYS B 43 16.88 -5.08 -3.53
C CYS B 43 18.30 -4.93 -3.00
N THR B 44 19.29 -4.89 -3.89
CA THR B 44 20.67 -4.68 -3.46
C THR B 44 20.84 -3.25 -2.97
N LEU B 45 21.91 -2.99 -2.21
CA LEU B 45 22.11 -1.64 -1.67
C LEU B 45 22.37 -0.62 -2.76
N ASP B 46 22.80 -1.06 -3.94
CA ASP B 46 22.99 -0.10 -5.02
C ASP B 46 21.78 -0.02 -5.96
N GLY B 47 20.63 -0.54 -5.51
CA GLY B 47 19.37 -0.26 -6.18
C GLY B 47 18.87 -1.25 -7.22
N GLU B 48 19.46 -2.44 -7.24
CA GLU B 48 18.98 -3.45 -8.18
C GLU B 48 17.85 -4.27 -7.56
N LEU B 49 16.62 -4.10 -8.06
CA LEU B 49 15.51 -4.97 -7.64
C LEU B 49 15.78 -6.43 -8.05
N GLN B 50 15.41 -7.37 -7.18
CA GLN B 50 15.62 -8.78 -7.46
C GLN B 50 14.37 -9.61 -7.18
N GLY B 51 14.40 -10.88 -7.56
CA GLY B 51 13.28 -11.78 -7.35
C GLY B 51 12.05 -11.27 -8.08
N THR B 52 10.92 -11.19 -7.37
CA THR B 52 9.66 -10.72 -7.95
C THR B 52 9.34 -9.31 -7.46
N THR B 53 10.35 -8.62 -6.95
CA THR B 53 10.15 -7.34 -6.31
C THR B 53 9.83 -6.22 -7.33
N GLN B 54 8.78 -5.45 -7.05
CA GLN B 54 8.49 -4.26 -7.81
C GLN B 54 8.21 -3.11 -6.83
N LEU B 55 7.99 -1.90 -7.33
CA LEU B 55 8.00 -0.70 -6.48
C LEU B 55 6.67 -0.38 -5.80
N LEU B 56 5.57 -0.83 -6.38
CA LEU B 56 4.25 -0.40 -5.89
C LEU B 56 3.84 -1.10 -4.59
N PRO B 57 3.45 -0.33 -3.57
CA PRO B 57 2.89 -1.00 -2.39
C PRO B 57 1.63 -1.78 -2.74
N THR B 58 0.91 -1.30 -3.75
CA THR B 58 -0.33 -1.92 -4.19
C THR B 58 -0.08 -3.18 -5.02
N GLY B 59 1.16 -3.42 -5.39
CA GLY B 59 1.47 -4.57 -6.23
C GLY B 59 1.89 -5.83 -5.50
N ILE B 60 2.19 -5.69 -4.21
CA ILE B 60 2.68 -6.79 -3.40
C ILE B 60 1.57 -7.78 -3.13
N CYS B 61 1.80 -9.02 -3.57
CA CYS B 61 0.80 -10.11 -3.51
C CYS B 61 -0.47 -9.76 -4.28
N ALA B 62 -0.34 -8.91 -5.29
CA ALA B 62 -1.48 -8.60 -6.17
C ALA B 62 -1.40 -9.39 -7.47
N PHE B 63 -2.56 -9.60 -8.09
CA PHE B 63 -2.60 -10.15 -9.45
C PHE B 63 -3.54 -9.36 -10.33
N ARG B 64 -3.22 -9.35 -11.61
CA ARG B 64 -4.07 -8.79 -12.64
CA ARG B 64 -4.08 -8.80 -12.63
C ARG B 64 -4.23 -9.83 -13.75
N GLY B 65 -5.41 -9.91 -14.35
CA GLY B 65 -5.60 -10.84 -15.44
C GLY B 65 -7.06 -11.00 -15.83
N LYS B 66 -7.42 -12.22 -16.23
CA LYS B 66 -8.77 -12.53 -16.67
C LYS B 66 -9.15 -13.95 -16.26
N VAL B 67 -10.36 -14.11 -15.77
CA VAL B 67 -10.84 -15.45 -15.48
C VAL B 67 -11.13 -16.19 -16.79
N THR B 68 -10.67 -17.44 -16.90
CA THR B 68 -10.98 -18.22 -18.10
C THR B 68 -12.24 -19.05 -17.92
N GLN B 69 -12.33 -19.78 -16.81
CA GLN B 69 -13.50 -20.61 -16.54
C GLN B 69 -13.53 -21.07 -15.09
N GLN B 70 -14.70 -21.53 -14.65
CA GLN B 70 -14.81 -22.27 -13.40
C GLN B 70 -14.17 -23.64 -13.54
N VAL B 71 -13.48 -24.08 -12.48
CA VAL B 71 -12.83 -25.37 -12.48
C VAL B 71 -13.14 -26.15 -11.21
N GLN B 72 -12.64 -27.37 -11.15
CA GLN B 72 -12.85 -28.26 -10.00
C GLN B 72 -11.57 -28.45 -9.19
N ASP B 73 -11.72 -28.57 -7.89
CA ASP B 73 -10.57 -28.73 -7.01
C ASP B 73 -11.00 -29.39 -5.71
N GLU B 74 -10.09 -30.17 -5.11
CA GLU B 74 -10.39 -30.88 -3.86
C GLU B 74 -10.62 -29.92 -2.71
N HIS B 75 -10.08 -28.70 -2.82
CA HIS B 75 -10.25 -27.68 -1.78
C HIS B 75 -11.72 -27.29 -1.66
N ARG B 76 -12.08 -26.76 -0.49
CA ARG B 76 -13.43 -26.31 -0.25
C ARG B 76 -13.70 -25.08 -1.10
N GLY B 77 -14.95 -24.91 -1.51
CA GLY B 77 -15.35 -23.73 -2.27
C GLY B 77 -15.57 -23.91 -3.75
N THR B 78 -15.69 -22.78 -4.43
CA THR B 78 -15.90 -22.74 -5.87
C THR B 78 -14.63 -22.20 -6.49
N HIS B 79 -14.15 -22.85 -7.56
CA HIS B 79 -12.81 -22.52 -8.04
C HIS B 79 -12.83 -21.92 -9.43
N TRP B 80 -11.87 -21.04 -9.68
CA TRP B 80 -11.79 -20.30 -10.92
C TRP B 80 -10.35 -20.29 -11.44
N ASN B 81 -10.17 -20.56 -12.72
CA ASN B 81 -8.85 -20.39 -13.30
C ASN B 81 -8.75 -18.98 -13.82
N MET B 82 -7.57 -18.40 -13.64
CA MET B 82 -7.35 -17.04 -14.08
C MET B 82 -6.01 -16.93 -14.77
N THR B 83 -5.98 -16.38 -15.98
CA THR B 83 -4.71 -16.02 -16.60
C THR B 83 -4.18 -14.79 -15.88
N VAL B 84 -2.88 -14.66 -15.77
CA VAL B 84 -2.33 -13.45 -15.18
C VAL B 84 -1.40 -12.72 -16.14
N THR B 85 -1.49 -11.40 -16.11
CA THR B 85 -0.59 -10.54 -16.87
C THR B 85 0.42 -9.93 -15.91
N ASN B 86 1.33 -9.11 -16.44
CA ASN B 86 2.10 -8.23 -15.58
C ASN B 86 1.13 -7.28 -14.89
N LEU B 87 1.50 -6.73 -13.75
CA LEU B 87 0.61 -5.80 -13.06
C LEU B 87 0.25 -4.57 -13.89
N ASN B 88 1.12 -4.17 -14.82
CA ASN B 88 0.81 -3.00 -15.66
C ASN B 88 -0.08 -3.36 -16.85
N GLY B 89 -0.56 -4.60 -16.88
CA GLY B 89 -1.51 -5.01 -17.90
C GLY B 89 -0.91 -5.64 -19.14
N THR B 90 0.39 -5.45 -19.37
CA THR B 90 1.03 -6.06 -20.54
C THR B 90 1.12 -7.56 -20.35
N PRO B 91 1.17 -8.32 -21.46
CA PRO B 91 1.20 -9.78 -21.33
C PRO B 91 2.44 -10.26 -20.59
N PHE B 92 2.30 -11.27 -19.74
CA PHE B 92 3.47 -11.82 -19.07
C PHE B 92 4.26 -12.71 -20.02
N ASP B 93 5.54 -12.42 -20.16
CA ASP B 93 6.42 -13.19 -21.01
C ASP B 93 7.24 -14.13 -20.14
N PRO B 94 6.88 -15.43 -20.12
CA PRO B 94 7.54 -16.39 -19.25
C PRO B 94 9.03 -16.56 -19.55
N THR B 95 9.51 -16.05 -20.68
CA THR B 95 10.91 -16.18 -21.01
C THR B 95 11.75 -15.05 -20.37
N GLU B 96 11.09 -14.07 -19.77
CA GLU B 96 11.81 -13.02 -19.06
C GLU B 96 12.54 -13.60 -17.84
N ASP B 97 13.64 -12.98 -17.43
CA ASP B 97 14.48 -13.51 -16.37
C ASP B 97 13.95 -13.13 -14.98
N VAL B 98 12.73 -13.54 -14.68
CA VAL B 98 12.14 -13.33 -13.36
C VAL B 98 11.49 -14.65 -12.93
N PRO B 99 11.31 -14.86 -11.61
CA PRO B 99 10.73 -16.14 -11.19
C PRO B 99 9.25 -16.30 -11.54
N ALA B 100 8.59 -15.17 -11.74
CA ALA B 100 7.14 -15.08 -11.85
C ALA B 100 6.79 -13.61 -12.10
N PRO B 101 5.53 -13.30 -12.40
CA PRO B 101 5.21 -11.87 -12.55
C PRO B 101 5.57 -11.09 -11.29
N LEU B 102 6.14 -9.89 -11.45
CA LEU B 102 6.53 -9.11 -10.29
C LEU B 102 5.30 -8.87 -9.42
N GLY B 103 5.48 -8.97 -8.11
CA GLY B 103 4.36 -8.84 -7.19
C GLY B 103 3.78 -10.16 -6.72
N THR B 104 4.04 -11.24 -7.46
CA THR B 104 3.56 -12.58 -7.10
C THR B 104 3.93 -12.90 -5.64
N PRO B 105 2.98 -13.50 -4.88
CA PRO B 105 3.31 -13.89 -3.50
C PRO B 105 4.55 -14.78 -3.42
N ASP B 106 5.34 -14.64 -2.35
CA ASP B 106 6.58 -15.42 -2.28
C ASP B 106 6.57 -16.44 -1.14
N PHE B 107 5.38 -16.85 -0.70
CA PHE B 107 5.30 -17.83 0.36
C PHE B 107 4.13 -18.80 0.19
N SER B 108 4.25 -19.94 0.83
CA SER B 108 3.21 -20.97 0.86
C SER B 108 2.11 -20.57 1.85
N GLY B 109 0.87 -20.60 1.38
CA GLY B 109 -0.25 -20.36 2.27
C GLY B 109 -1.53 -20.14 1.49
N GLN B 110 -2.62 -19.93 2.22
CA GLN B 110 -3.89 -19.58 1.61
C GLN B 110 -4.08 -18.08 1.74
N ILE B 111 -3.79 -17.36 0.67
CA ILE B 111 -3.87 -15.91 0.73
C ILE B 111 -5.30 -15.45 0.46
N TYR B 112 -5.82 -14.72 1.43
CA TYR B 112 -7.19 -14.24 1.44
C TYR B 112 -7.23 -12.80 0.92
N GLY B 113 -8.22 -12.49 0.09
CA GLY B 113 -8.37 -11.15 -0.40
C GLY B 113 -9.69 -11.01 -1.14
N VAL B 114 -9.73 -10.06 -2.06
CA VAL B 114 -10.94 -9.79 -2.81
C VAL B 114 -10.63 -9.83 -4.30
N ILE B 115 -11.37 -10.63 -5.04
CA ILE B 115 -11.33 -10.55 -6.48
C ILE B 115 -12.38 -9.54 -6.96
N SER B 116 -11.99 -8.57 -7.79
CA SER B 116 -12.97 -7.64 -8.35
C SER B 116 -12.87 -7.63 -9.87
N GLN B 117 -13.96 -7.30 -10.54
CA GLN B 117 -13.98 -7.29 -12.01
C GLN B 117 -14.71 -6.03 -12.50
N ARG B 118 -14.17 -5.43 -13.55
CA ARG B 118 -14.83 -4.36 -14.28
C ARG B 118 -14.87 -4.79 -15.74
N ASN B 119 -16.07 -5.01 -16.25
CA ASN B 119 -16.22 -5.59 -17.58
C ASN B 119 -15.66 -4.68 -18.68
N THR B 120 -15.22 -5.30 -19.76
CA THR B 120 -14.72 -4.56 -20.92
C THR B 120 -15.85 -3.86 -21.67
N ASN B 121 -16.92 -4.61 -21.91
CA ASN B 121 -18.07 -4.13 -22.68
C ASN B 121 -18.99 -3.20 -21.87
N THR B 122 -19.59 -2.24 -22.57
CA THR B 122 -20.52 -1.31 -21.95
C THR B 122 -21.90 -1.40 -22.59
N ASN B 128 -23.61 3.65 -21.12
CA ASN B 128 -22.32 3.18 -21.62
C ASN B 128 -21.32 2.91 -20.49
N LEU B 129 -21.79 2.28 -19.42
CA LEU B 129 -20.92 1.96 -18.28
C LEU B 129 -20.82 0.46 -18.11
N PRO B 130 -19.66 -0.04 -17.64
CA PRO B 130 -19.53 -1.48 -17.49
C PRO B 130 -20.11 -2.04 -16.20
N ALA B 131 -20.52 -3.32 -16.23
CA ALA B 131 -20.92 -4.01 -15.00
C ALA B 131 -19.70 -4.45 -14.17
N ASN B 132 -19.88 -4.49 -12.85
CA ASN B 132 -18.83 -4.81 -11.90
C ASN B 132 -19.23 -5.89 -10.91
N ARG B 133 -18.26 -6.57 -10.31
CA ARG B 133 -18.55 -7.44 -9.17
C ARG B 133 -17.28 -7.68 -8.37
N ALA B 134 -17.44 -7.90 -7.07
CA ALA B 134 -16.30 -8.29 -6.26
C ALA B 134 -16.74 -9.32 -5.24
N HIS B 135 -15.85 -10.24 -4.90
CA HIS B 135 -16.12 -11.28 -3.92
C HIS B 135 -14.84 -11.65 -3.19
N GLU B 136 -14.98 -12.11 -1.96
CA GLU B 136 -13.85 -12.67 -1.24
C GLU B 136 -13.29 -13.85 -2.01
N ALA B 137 -11.99 -14.05 -1.88
CA ALA B 137 -11.31 -15.08 -2.64
C ALA B 137 -10.09 -15.59 -1.89
N VAL B 138 -9.70 -16.82 -2.18
CA VAL B 138 -8.51 -17.41 -1.58
C VAL B 138 -7.63 -17.93 -2.68
N ILE B 139 -6.33 -17.66 -2.57
CA ILE B 139 -5.34 -18.23 -3.48
C ILE B 139 -4.39 -19.14 -2.70
N ALA B 140 -4.44 -20.44 -2.99
CA ALA B 140 -3.56 -21.41 -2.35
C ALA B 140 -2.27 -21.46 -3.15
N THR B 141 -1.22 -20.83 -2.63
CA THR B 141 0.02 -20.70 -3.40
C THR B 141 0.80 -22.02 -3.44
N TYR B 142 0.44 -22.98 -2.59
CA TYR B 142 1.09 -24.29 -2.57
C TYR B 142 0.44 -25.24 -3.57
N SER B 143 -0.69 -24.83 -4.12
CA SER B 143 -1.48 -25.69 -5.00
C SER B 143 -0.77 -25.98 -6.32
N PRO B 144 -0.95 -27.20 -6.86
CA PRO B 144 -0.36 -27.48 -8.17
C PRO B 144 -0.93 -26.59 -9.26
N LYS B 145 -2.06 -25.94 -8.99
CA LYS B 145 -2.67 -25.06 -9.96
C LYS B 145 -2.15 -23.62 -9.83
N PHE B 146 -1.31 -23.39 -8.84
CA PHE B 146 -0.68 -22.08 -8.72
C PHE B 146 0.53 -22.05 -9.64
N THR B 147 0.35 -21.60 -10.88
CA THR B 147 1.47 -21.58 -11.83
C THR B 147 1.66 -20.21 -12.48
N PRO B 148 1.90 -19.17 -11.66
CA PRO B 148 2.02 -17.82 -12.22
C PRO B 148 3.11 -17.68 -13.28
N LYS B 149 4.21 -18.43 -13.16
CA LYS B 149 5.29 -18.33 -14.13
C LYS B 149 4.83 -18.86 -15.50
N LEU B 150 3.83 -19.75 -15.49
CA LEU B 150 3.23 -20.26 -16.72
C LEU B 150 2.08 -19.39 -17.21
N GLY B 151 1.76 -18.35 -16.45
CA GLY B 151 0.75 -17.37 -16.86
C GLY B 151 -0.65 -17.62 -16.37
N ASN B 152 -0.83 -18.49 -15.39
CA ASN B 152 -2.17 -18.68 -14.85
C ASN B 152 -2.17 -19.22 -13.43
N ILE B 153 -3.21 -18.85 -12.69
CA ILE B 153 -3.37 -19.31 -11.31
C ILE B 153 -4.82 -19.68 -11.08
N GLN B 154 -5.09 -20.21 -9.89
CA GLN B 154 -6.44 -20.61 -9.56
C GLN B 154 -6.84 -19.94 -8.26
N PHE B 155 -8.06 -19.44 -8.17
CA PHE B 155 -8.51 -18.94 -6.88
C PHE B 155 -9.86 -19.55 -6.53
N SER B 156 -10.21 -19.53 -5.25
CA SER B 156 -11.48 -20.08 -4.82
C SER B 156 -12.33 -18.97 -4.22
N THR B 157 -13.64 -19.12 -4.32
CA THR B 157 -14.54 -18.18 -3.69
C THR B 157 -15.56 -18.93 -2.86
N TRP B 158 -16.16 -18.23 -1.90
CA TRP B 158 -17.36 -18.73 -1.24
C TRP B 158 -18.54 -18.55 -2.19
N GLU B 159 -18.49 -17.47 -2.96
CA GLU B 159 -19.52 -17.20 -3.99
C GLU B 159 -19.53 -18.33 -5.01
N THR B 160 -20.71 -18.86 -5.33
CA THR B 160 -20.75 -20.06 -6.16
C THR B 160 -20.89 -19.77 -7.65
N GLN B 161 -21.28 -18.54 -8.01
CA GLN B 161 -21.72 -18.27 -9.38
C GLN B 161 -21.21 -16.96 -10.02
N ASP B 162 -21.16 -15.90 -9.23
CA ASP B 162 -21.04 -14.54 -9.76
C ASP B 162 -19.60 -14.10 -10.04
N VAL B 163 -18.91 -14.89 -10.86
CA VAL B 163 -17.59 -14.51 -11.37
C VAL B 163 -17.59 -14.66 -12.88
N SER B 164 -17.28 -13.58 -13.60
CA SER B 164 -17.43 -13.59 -15.05
C SER B 164 -16.15 -14.05 -15.77
N SER B 165 -16.32 -14.87 -16.79
CA SER B 165 -15.20 -15.29 -17.63
C SER B 165 -14.85 -14.23 -18.66
N GLY B 166 -13.56 -14.12 -18.97
CA GLY B 166 -13.08 -13.20 -20.01
C GLY B 166 -13.18 -11.72 -19.68
N GLN B 167 -13.26 -11.40 -18.39
CA GLN B 167 -13.38 -10.02 -17.96
C GLN B 167 -12.18 -9.66 -17.08
N PRO B 168 -11.68 -8.42 -17.20
CA PRO B 168 -10.53 -7.93 -16.43
C PRO B 168 -10.75 -8.14 -14.94
N THR B 169 -9.76 -8.75 -14.30
CA THR B 169 -9.91 -9.24 -12.94
C THR B 169 -8.73 -8.78 -12.11
N LYS B 170 -9.02 -8.33 -10.90
CA LYS B 170 -8.01 -7.82 -9.98
C LYS B 170 -8.05 -8.61 -8.69
N PHE B 171 -6.89 -8.99 -8.16
CA PHE B 171 -6.85 -9.56 -6.81
C PHE B 171 -6.21 -8.57 -5.84
N THR B 172 -7.00 -8.14 -4.87
CA THR B 172 -6.52 -7.30 -3.77
C THR B 172 -6.30 -8.16 -2.55
N PRO B 173 -5.03 -8.30 -2.11
CA PRO B 173 -4.76 -9.15 -0.95
C PRO B 173 -5.23 -8.50 0.35
N VAL B 174 -5.71 -9.30 1.29
CA VAL B 174 -6.10 -8.77 2.59
C VAL B 174 -5.38 -9.45 3.76
N GLY B 175 -5.23 -10.77 3.67
CA GLY B 175 -4.57 -11.52 4.72
C GLY B 175 -4.46 -12.99 4.39
N LEU B 176 -4.63 -13.84 5.39
CA LEU B 176 -4.60 -15.28 5.19
C LEU B 176 -5.97 -15.86 5.49
N ALA B 177 -6.30 -16.95 4.81
CA ALA B 177 -7.60 -17.59 5.04
C ALA B 177 -7.58 -18.38 6.34
N SER B 178 -6.42 -18.97 6.65
CA SER B 178 -6.27 -19.89 7.77
C SER B 178 -4.79 -20.10 8.04
N VAL B 179 -4.45 -20.50 9.26
CA VAL B 179 -3.11 -21.04 9.47
C VAL B 179 -3.19 -22.44 10.09
N ASP B 180 -4.32 -23.12 9.88
CA ASP B 180 -4.44 -24.55 10.21
C ASP B 180 -3.36 -25.37 9.53
N ALA B 181 -3.15 -26.59 10.01
CA ALA B 181 -2.19 -27.50 9.40
C ALA B 181 -2.50 -27.74 7.92
N ASN B 182 -3.77 -27.92 7.60
CA ASN B 182 -4.16 -28.21 6.23
C ASN B 182 -4.10 -26.98 5.32
N SER B 183 -3.70 -25.83 5.87
CA SER B 183 -3.60 -24.61 5.05
C SER B 183 -2.16 -24.27 4.66
N HIS B 184 -1.20 -25.02 5.19
CA HIS B 184 0.19 -24.97 4.72
C HIS B 184 0.81 -23.58 4.70
N PHE B 185 0.59 -22.82 5.76
CA PHE B 185 1.26 -21.54 5.86
C PHE B 185 2.70 -21.73 6.32
N ASP B 186 3.64 -21.29 5.50
CA ASP B 186 5.05 -21.26 5.87
C ASP B 186 5.68 -20.12 5.12
N GLN B 187 6.04 -19.05 5.85
CA GLN B 187 6.45 -17.83 5.18
C GLN B 187 7.79 -17.98 4.46
N TRP B 188 8.56 -19.04 4.76
CA TRP B 188 9.84 -19.25 4.12
C TRP B 188 9.83 -20.34 3.06
N THR B 189 8.68 -20.97 2.83
CA THR B 189 8.58 -21.94 1.75
C THR B 189 8.10 -21.23 0.49
N LEU B 190 8.94 -21.21 -0.55
CA LEU B 190 8.55 -20.58 -1.79
C LEU B 190 7.51 -21.40 -2.51
N PRO B 191 6.60 -20.72 -3.20
CA PRO B 191 5.74 -21.46 -4.13
C PRO B 191 6.58 -22.08 -5.25
N SER B 192 6.07 -23.12 -5.88
CA SER B 192 6.60 -23.61 -7.14
C SER B 192 5.95 -22.81 -8.25
N TYR B 193 6.63 -21.78 -8.73
CA TYR B 193 5.99 -20.80 -9.60
C TYR B 193 5.52 -21.41 -10.89
N SER B 194 6.14 -22.53 -11.29
CA SER B 194 5.73 -23.21 -12.53
C SER B 194 5.04 -24.52 -12.27
N GLY B 195 4.69 -24.76 -11.01
CA GLY B 195 3.95 -25.97 -10.72
C GLY B 195 4.85 -27.05 -10.18
N ALA B 196 4.22 -28.17 -9.87
CA ALA B 196 4.89 -29.28 -9.25
C ALA B 196 5.93 -29.81 -10.22
N LEU B 197 7.03 -30.26 -9.66
CA LEU B 197 8.09 -30.94 -10.40
C LEU B 197 8.98 -29.99 -11.20
N THR B 198 8.67 -28.69 -11.22
CA THR B 198 9.54 -27.74 -11.93
C THR B 198 10.39 -26.91 -10.98
N LEU B 199 11.61 -26.60 -11.37
CA LEU B 199 12.51 -25.79 -10.55
C LEU B 199 12.24 -24.30 -10.71
N ASN B 200 12.15 -23.57 -9.59
CA ASN B 200 12.05 -22.12 -9.68
C ASN B 200 13.31 -21.54 -10.30
N MET B 201 13.16 -20.43 -11.00
CA MET B 201 14.30 -19.83 -11.68
C MET B 201 14.47 -18.36 -11.38
N ASN B 202 15.66 -17.83 -11.64
CA ASN B 202 15.89 -16.40 -11.51
C ASN B 202 15.64 -15.86 -10.09
N LEU B 203 15.88 -16.70 -9.09
CA LEU B 203 15.57 -16.31 -7.71
C LEU B 203 16.55 -15.29 -7.12
N ALA B 204 16.03 -14.40 -6.30
CA ALA B 204 16.90 -13.63 -5.43
C ALA B 204 17.61 -14.63 -4.54
N PRO B 205 18.89 -14.38 -4.22
CA PRO B 205 19.66 -15.37 -3.44
C PRO B 205 19.16 -15.55 -2.01
N SER B 206 19.46 -16.70 -1.43
CA SER B 206 19.16 -16.91 -0.02
C SER B 206 20.01 -15.95 0.82
N VAL B 207 19.53 -15.62 2.01
CA VAL B 207 20.27 -14.73 2.90
C VAL B 207 20.48 -15.39 4.26
N ALA B 208 21.61 -15.08 4.87
CA ALA B 208 21.99 -15.67 6.16
C ALA B 208 23.16 -14.92 6.74
N PRO B 209 23.33 -14.94 8.07
CA PRO B 209 24.57 -14.37 8.60
C PRO B 209 25.75 -15.23 8.13
N VAL B 210 26.89 -14.61 7.89
CA VAL B 210 28.07 -15.35 7.48
C VAL B 210 29.12 -15.35 8.60
N PHE B 211 28.88 -14.48 9.58
CA PHE B 211 29.71 -14.28 10.77
C PHE B 211 29.07 -14.94 11.98
N PRO B 212 29.86 -15.55 12.86
CA PRO B 212 29.34 -16.19 14.07
C PRO B 212 28.73 -15.23 15.09
N GLY B 213 27.70 -15.67 15.80
CA GLY B 213 27.07 -14.84 16.82
C GLY B 213 26.00 -13.93 16.26
N GLU B 214 25.84 -13.95 14.94
CA GLU B 214 24.88 -13.07 14.29
C GLU B 214 23.59 -13.78 13.89
N CYS B 215 22.51 -13.02 13.79
CA CYS B 215 21.26 -13.56 13.26
C CYS B 215 20.62 -12.52 12.36
N LEU B 216 19.73 -12.95 11.48
CA LEU B 216 18.96 -12.02 10.65
C LEU B 216 18.11 -11.11 11.52
N LEU B 217 17.95 -9.87 11.11
CA LEU B 217 17.01 -8.95 11.74
C LEU B 217 15.90 -8.64 10.74
N PHE B 218 14.65 -8.84 11.16
CA PHE B 218 13.50 -8.69 10.28
C PHE B 218 12.61 -7.50 10.67
N PHE B 219 11.92 -6.96 9.69
CA PHE B 219 10.83 -6.03 9.92
C PHE B 219 9.53 -6.84 9.90
N ARG B 220 8.90 -6.99 11.06
CA ARG B 220 7.77 -7.93 11.19
C ARG B 220 6.41 -7.24 11.12
N SER B 221 5.48 -7.84 10.40
CA SER B 221 4.10 -7.36 10.37
C SER B 221 3.16 -8.50 10.70
N PHE B 222 2.12 -8.23 11.49
CA PHE B 222 1.10 -9.25 11.73
C PHE B 222 0.02 -9.17 10.65
N ILE B 223 -0.38 -10.34 10.15
CA ILE B 223 -1.25 -10.44 8.99
C ILE B 223 -2.64 -10.91 9.41
N PRO B 224 -3.70 -10.27 8.88
CA PRO B 224 -5.07 -10.64 9.26
C PRO B 224 -5.43 -12.08 8.88
N LEU B 225 -6.40 -12.64 9.62
CA LEU B 225 -6.92 -13.97 9.33
C LEU B 225 -8.41 -13.91 9.05
N LYS B 226 -8.85 -14.63 8.02
CA LYS B 226 -10.29 -14.75 7.74
C LYS B 226 -10.98 -15.51 8.87
N GLY B 227 -10.30 -16.47 9.46
CA GLY B 227 -10.88 -17.26 10.53
C GLY B 227 -9.89 -18.16 11.22
N GLY B 228 -10.34 -18.85 12.26
CA GLY B 228 -9.50 -19.81 12.95
C GLY B 228 -8.66 -19.13 14.01
N TYR B 229 -7.75 -19.91 14.60
CA TYR B 229 -6.91 -19.41 15.68
C TYR B 229 -5.51 -19.14 15.14
N GLY B 230 -4.85 -18.14 15.70
CA GLY B 230 -3.48 -17.84 15.29
C GLY B 230 -3.15 -16.37 15.37
N ASN B 231 -1.85 -16.09 15.37
CA ASN B 231 -1.37 -14.72 15.27
C ASN B 231 -0.25 -14.67 14.23
N PRO B 232 -0.56 -14.98 12.98
CA PRO B 232 0.52 -15.11 11.99
C PRO B 232 1.21 -13.79 11.70
N ALA B 233 2.48 -13.87 11.35
CA ALA B 233 3.27 -12.69 11.01
C ALA B 233 4.00 -12.94 9.70
N ILE B 234 4.34 -11.84 9.04
CA ILE B 234 5.14 -11.88 7.82
C ILE B 234 6.38 -11.02 8.07
N ASP B 235 7.56 -11.62 7.88
CA ASP B 235 8.82 -10.94 8.11
C ASP B 235 9.49 -10.54 6.81
N CYS B 236 9.81 -9.27 6.63
CA CYS B 236 10.56 -8.88 5.44
C CYS B 236 11.98 -8.44 5.78
N LEU B 237 12.88 -8.52 4.78
CA LEU B 237 14.29 -8.20 4.99
C LEU B 237 14.54 -6.68 5.06
N MET B 238 13.75 -5.93 4.29
CA MET B 238 13.78 -4.46 4.28
C MET B 238 12.38 -3.97 3.98
N PRO B 239 11.95 -2.87 4.60
CA PRO B 239 10.62 -2.36 4.30
C PRO B 239 10.50 -1.84 2.86
N GLN B 240 9.27 -1.69 2.38
CA GLN B 240 9.07 -1.27 1.01
C GLN B 240 9.68 0.11 0.74
N GLU B 241 9.63 1.00 1.74
CA GLU B 241 10.22 2.33 1.57
C GLU B 241 11.74 2.29 1.34
N TRP B 242 12.40 1.28 1.90
CA TRP B 242 13.83 1.13 1.65
C TRP B 242 14.09 0.64 0.23
N VAL B 243 13.31 -0.35 -0.21
CA VAL B 243 13.39 -0.79 -1.61
C VAL B 243 13.23 0.42 -2.53
N GLN B 244 12.21 1.24 -2.27
CA GLN B 244 11.94 2.40 -3.13
C GLN B 244 13.08 3.42 -3.07
N HIS B 245 13.63 3.60 -1.89
CA HIS B 245 14.73 4.55 -1.70
C HIS B 245 16.01 4.10 -2.40
N LEU B 246 16.38 2.83 -2.19
CA LEU B 246 17.61 2.30 -2.79
C LEU B 246 17.54 2.34 -4.31
N TYR B 247 16.38 2.02 -4.85
CA TYR B 247 16.14 2.12 -6.28
C TYR B 247 16.33 3.55 -6.79
N GLN B 248 15.76 4.53 -6.08
CA GLN B 248 15.93 5.94 -6.45
C GLN B 248 17.40 6.33 -6.46
N GLU B 249 18.05 6.03 -5.35
CA GLU B 249 19.40 6.54 -5.09
C GLU B 249 20.46 5.88 -5.95
N SER B 250 20.41 4.55 -6.03
CA SER B 250 21.41 3.76 -6.75
C SER B 250 22.84 4.17 -6.38
N ALA B 251 23.08 4.32 -5.08
CA ALA B 251 24.41 4.68 -4.62
C ALA B 251 25.36 3.48 -4.71
N PRO B 252 26.58 3.70 -5.24
CA PRO B 252 27.53 2.59 -5.35
C PRO B 252 27.82 1.97 -3.98
N SER B 253 27.85 0.64 -3.92
CA SER B 253 28.21 -0.05 -2.68
C SER B 253 29.73 -0.10 -2.59
N LEU B 254 30.28 0.47 -1.53
CA LEU B 254 31.74 0.58 -1.41
C LEU B 254 32.38 -0.61 -0.71
N SER B 255 31.55 -1.48 -0.14
CA SER B 255 31.99 -2.78 0.37
C SER B 255 30.80 -3.72 0.42
N ASP B 256 30.98 -4.90 0.99
CA ASP B 256 29.88 -5.85 1.08
C ASP B 256 28.97 -5.60 2.28
N VAL B 257 29.37 -4.70 3.17
CA VAL B 257 28.62 -4.49 4.39
C VAL B 257 28.57 -3.03 4.75
N ALA B 258 27.36 -2.51 4.91
CA ALA B 258 27.18 -1.16 5.42
C ALA B 258 26.86 -1.24 6.91
N LEU B 259 27.69 -0.59 7.73
CA LEU B 259 27.42 -0.54 9.16
C LEU B 259 26.37 0.51 9.44
N VAL B 260 25.27 0.10 10.06
CA VAL B 260 24.19 1.02 10.37
C VAL B 260 23.92 1.02 11.86
N ARG B 261 23.42 2.16 12.33
CA ARG B 261 23.10 2.32 13.73
C ARG B 261 21.63 2.65 13.90
N TYR B 262 20.97 1.95 14.82
CA TYR B 262 19.59 2.28 15.16
C TYR B 262 19.64 3.35 16.23
N VAL B 263 19.14 4.54 15.91
CA VAL B 263 19.32 5.69 16.80
C VAL B 263 18.02 6.26 17.34
N ASN B 264 18.11 6.72 18.58
CA ASN B 264 17.08 7.54 19.21
C ASN B 264 17.40 9.01 18.91
N PRO B 265 16.57 9.64 18.05
CA PRO B 265 16.80 11.03 17.60
C PRO B 265 16.74 12.03 18.74
N GLU B 266 15.91 11.77 19.74
CA GLU B 266 15.81 12.62 20.91
C GLU B 266 17.11 12.63 21.71
N THR B 267 17.51 11.45 22.18
CA THR B 267 18.71 11.34 22.99
C THR B 267 20.00 11.39 22.16
N GLY B 268 19.90 11.08 20.87
CA GLY B 268 21.08 10.99 20.02
C GLY B 268 21.82 9.68 20.20
N ARG B 269 21.38 8.88 21.16
CA ARG B 269 22.07 7.64 21.50
C ARG B 269 21.84 6.54 20.47
N THR B 270 22.85 5.71 20.28
CA THR B 270 22.72 4.51 19.48
C THR B 270 22.13 3.40 20.32
N LEU B 271 20.98 2.86 19.90
CA LEU B 271 20.35 1.76 20.62
C LEU B 271 21.07 0.43 20.35
N PHE B 272 21.44 0.21 19.09
CA PHE B 272 22.23 -0.95 18.69
C PHE B 272 22.77 -0.74 17.28
N GLU B 273 23.69 -1.59 16.86
CA GLU B 273 24.17 -1.51 15.50
C GLU B 273 23.89 -2.81 14.76
N ALA B 274 23.89 -2.72 13.44
CA ALA B 274 23.53 -3.85 12.60
C ALA B 274 24.41 -3.84 11.36
N LYS B 275 24.57 -5.00 10.72
CA LYS B 275 25.16 -5.04 9.39
C LYS B 275 24.08 -5.02 8.34
N LEU B 276 24.15 -4.05 7.43
CA LEU B 276 23.28 -4.02 6.28
C LEU B 276 24.11 -4.53 5.10
N HIS B 277 23.81 -5.75 4.68
CA HIS B 277 24.59 -6.45 3.67
C HIS B 277 24.24 -5.99 2.27
N ARG B 278 25.23 -6.06 1.38
CA ARG B 278 25.10 -5.60 0.01
C ARG B 278 23.84 -6.11 -0.69
N ASN B 279 23.49 -7.36 -0.43
CA ASN B 279 22.35 -7.96 -1.12
C ASN B 279 21.00 -7.49 -0.57
N GLY B 280 21.02 -6.74 0.52
CA GLY B 280 19.80 -6.12 1.02
C GLY B 280 19.14 -6.85 2.19
N PHE B 281 19.86 -7.00 3.29
CA PHE B 281 19.30 -7.64 4.48
C PHE B 281 20.17 -7.28 5.66
N LEU B 282 19.61 -7.45 6.87
CA LEU B 282 20.28 -7.04 8.09
C LEU B 282 20.68 -8.21 8.97
N THR B 283 21.83 -8.11 9.62
CA THR B 283 22.14 -9.03 10.70
C THR B 283 22.55 -8.23 11.94
N VAL B 284 22.28 -8.82 13.09
CA VAL B 284 22.66 -8.26 14.39
C VAL B 284 23.32 -9.34 15.23
N ALA B 285 24.09 -8.92 16.22
CA ALA B 285 24.66 -9.84 17.19
C ALA B 285 23.69 -9.99 18.35
N ARG B 286 22.80 -10.96 18.23
CA ARG B 286 21.77 -11.18 19.24
C ARG B 286 21.57 -12.68 19.40
N ASN B 287 21.44 -13.14 20.64
CA ASN B 287 21.35 -14.56 20.90
C ASN B 287 19.98 -14.99 21.41
N SER B 288 18.94 -14.25 21.02
CA SER B 288 17.59 -14.51 21.49
C SER B 288 16.56 -14.26 20.39
N ALA B 289 15.37 -14.83 20.54
CA ALA B 289 14.30 -14.62 19.58
C ALA B 289 13.27 -13.66 20.15
N GLY B 290 12.54 -13.01 19.27
CA GLY B 290 11.46 -12.13 19.67
C GLY B 290 11.63 -10.71 19.20
N PRO B 291 10.68 -9.84 19.58
CA PRO B 291 10.75 -8.44 19.19
C PRO B 291 11.95 -7.73 19.79
N VAL B 292 12.41 -6.72 19.07
CA VAL B 292 13.38 -5.77 19.57
C VAL B 292 12.62 -4.61 20.19
N VAL B 293 12.73 -4.47 21.50
CA VAL B 293 11.96 -3.45 22.18
C VAL B 293 12.70 -2.13 22.05
N ALA B 294 12.15 -1.21 21.27
CA ALA B 294 12.87 0.03 21.01
C ALA B 294 11.90 1.19 20.98
N PRO B 295 12.39 2.39 21.35
CA PRO B 295 11.54 3.58 21.31
C PRO B 295 10.93 3.78 19.94
N THR B 296 9.76 4.39 19.92
CA THR B 296 9.00 4.54 18.70
C THR B 296 9.66 5.55 17.73
N ASN B 297 10.52 6.42 18.26
CA ASN B 297 11.13 7.43 17.42
C ASN B 297 12.36 6.92 16.66
N GLY B 298 12.75 5.67 16.91
CA GLY B 298 14.00 5.13 16.40
C GLY B 298 14.06 4.84 14.89
N TYR B 299 15.24 4.96 14.30
CA TYR B 299 15.42 4.60 12.90
C TYR B 299 16.88 4.30 12.59
N PHE B 300 17.12 3.56 11.52
CA PHE B 300 18.48 3.23 11.10
C PHE B 300 19.15 4.39 10.37
N ARG B 301 20.42 4.62 10.72
CA ARG B 301 21.27 5.64 10.14
C ARG B 301 22.54 4.98 9.61
N PHE B 302 22.91 5.26 8.37
CA PHE B 302 24.14 4.72 7.80
C PHE B 302 25.37 5.33 8.49
N ASP B 303 26.30 4.48 8.91
CA ASP B 303 27.52 4.93 9.59
C ASP B 303 28.72 4.91 8.67
N SER B 304 29.06 3.72 8.18
CA SER B 304 30.24 3.54 7.34
C SER B 304 30.24 2.18 6.68
N TRP B 305 31.06 2.04 5.65
CA TRP B 305 31.29 0.75 5.02
C TRP B 305 32.35 -0.01 5.80
N VAL B 306 32.05 -1.27 6.11
CA VAL B 306 32.98 -2.15 6.83
C VAL B 306 33.09 -3.44 6.03
N ASN B 307 33.89 -4.41 6.46
CA ASN B 307 33.90 -5.66 5.70
C ASN B 307 33.15 -6.74 6.49
N GLN B 308 33.06 -7.94 5.94
CA GLN B 308 32.27 -9.01 6.55
C GLN B 308 32.85 -9.52 7.86
N PHE B 309 34.09 -9.14 8.16
CA PHE B 309 34.77 -9.65 9.35
C PHE B 309 34.60 -8.73 10.56
N TYR B 310 33.95 -7.60 10.34
CA TYR B 310 33.66 -6.65 11.41
C TYR B 310 32.79 -7.31 12.46
N THR B 311 33.13 -7.13 13.72
CA THR B 311 32.36 -7.76 14.80
C THR B 311 31.41 -6.73 15.38
N LEU B 312 30.12 -7.02 15.31
CA LEU B 312 29.10 -6.11 15.82
C LEU B 312 29.11 -6.04 17.35
N ALA B 313 28.85 -4.85 17.88
CA ALA B 313 28.55 -4.72 19.30
C ALA B 313 27.28 -5.52 19.58
N PRO B 314 27.34 -6.44 20.55
CA PRO B 314 26.20 -7.25 20.97
C PRO B 314 24.99 -6.40 21.35
N MET B 315 23.81 -6.85 21.00
CA MET B 315 22.60 -6.11 21.32
C MET B 315 22.24 -6.20 22.80
C1 GLA C . -13.55 -21.59 11.93
C2 GLA C . -14.55 -20.59 11.36
C3 GLA C . -15.79 -21.25 10.87
C4 GLA C . -15.52 -22.46 10.04
C5 GLA C . -14.64 -23.39 10.84
C6 GLA C . -14.37 -24.69 10.11
O1 GLA C . -14.06 -22.04 13.15
O2 GLA C . -14.89 -19.60 12.35
O3 GLA C . -16.57 -20.31 10.06
O4 GLA C . -14.80 -22.05 8.86
O5 GLA C . -13.37 -22.70 11.07
O6 GLA C . -15.22 -25.68 10.65
C1 FUC C . -13.98 -18.52 12.45
C2 FUC C . -14.70 -17.24 12.88
C3 FUC C . -15.24 -17.37 14.32
C4 FUC C . -14.12 -17.78 15.28
C5 FUC C . -13.42 -19.04 14.74
C6 FUC C . -12.20 -19.46 15.55
O2 FUC C . -15.73 -16.93 11.97
O3 FUC C . -15.74 -16.11 14.80
O4 FUC C . -13.18 -16.71 15.39
O5 FUC C . -12.96 -18.83 13.40
C1 GLA C . -17.96 -20.40 9.84
C2 GLA C . -18.34 -19.38 8.81
C3 GLA C . -18.20 -17.99 9.37
C4 GLA C . -18.94 -17.84 10.65
C5 GLA C . -18.46 -18.87 11.64
C6 GLA C . -19.23 -18.76 12.93
O2 GLA C . -17.47 -19.54 7.68
O3 GLA C . -18.69 -17.01 8.44
O4 GLA C . -20.33 -18.08 10.39
O5 GLA C . -18.62 -20.23 11.10
O6 GLA C . -18.82 -19.86 13.75
C1 GLA D . -26.62 -5.59 -8.87
C2 GLA D . -25.76 -6.54 -8.08
C3 GLA D . -26.59 -7.39 -7.17
C4 GLA D . -27.44 -6.53 -6.29
C5 GLA D . -28.28 -5.59 -7.11
C6 GLA D . -29.05 -4.68 -6.18
O1 GLA D . -27.44 -6.31 -9.75
O2 GLA D . -25.03 -7.40 -9.00
O3 GLA D . -25.74 -8.25 -6.35
O4 GLA D . -26.60 -5.76 -5.43
O5 GLA D . -27.46 -4.78 -8.01
O6 GLA D . -30.00 -3.97 -6.96
C1 FUC D . -23.74 -6.88 -9.20
C2 FUC D . -22.90 -8.11 -9.65
C3 FUC D . -23.42 -8.65 -10.99
C4 FUC D . -23.50 -7.53 -12.04
C5 FUC D . -24.36 -6.39 -11.51
C6 FUC D . -24.38 -5.20 -12.44
O2 FUC D . -22.92 -9.11 -8.68
O3 FUC D . -22.53 -9.67 -11.51
O4 FUC D . -22.20 -7.04 -12.34
O5 FUC D . -23.85 -5.90 -10.24
C1 GLA D . -26.43 -9.38 -5.86
C2 GLA D . -25.48 -10.08 -4.92
C3 GLA D . -24.27 -10.57 -5.65
C4 GLA D . -24.66 -11.48 -6.75
C5 GLA D . -25.67 -10.82 -7.66
C6 GLA D . -26.19 -11.82 -8.67
O2 GLA D . -25.13 -9.14 -3.89
O3 GLA D . -23.40 -11.31 -4.74
O4 GLA D . -25.24 -12.65 -6.13
O5 GLA D . -26.81 -10.26 -6.93
O6 GLA D . -27.03 -11.13 -9.59
C1 EDO E . -22.27 -11.04 -0.16
O1 EDO E . -20.84 -10.98 -0.16
C2 EDO E . -22.80 -10.16 -1.30
O2 EDO E . -22.11 -10.45 -2.52
C1 EDO F . -24.66 -4.95 3.72
O1 EDO F . -25.95 -4.70 3.19
C2 EDO F . -23.65 -4.01 3.05
O2 EDO F . -23.94 -2.66 3.42
C1 EDO G . -0.06 7.35 13.32
O1 EDO G . -1.19 7.10 14.16
C2 EDO G . -0.41 8.49 12.35
O2 EDO G . -1.22 8.01 11.29
C1 EDO H . -2.08 -4.25 -8.75
O1 EDO H . -3.41 -4.78 -8.79
C2 EDO H . -2.14 -2.77 -8.41
O2 EDO H . -0.81 -2.21 -8.25
C1 EDO I . 5.91 -4.32 -13.13
O1 EDO I . 5.30 -4.97 -12.01
C2 EDO I . 4.84 -3.72 -14.06
O2 EDO I . 4.08 -4.74 -14.71
C1 EDO J . -18.15 -16.96 4.79
O1 EDO J . -17.40 -16.41 5.88
C2 EDO J . -17.78 -16.25 3.50
O2 EDO J . -17.81 -14.84 3.70
C1 EDO K . -14.40 -21.17 0.08
O1 EDO K . -14.28 -22.28 0.97
C2 EDO K . -13.11 -20.35 0.09
O2 EDO K . -12.02 -21.15 -0.37
#